data_2IOQ
#
_entry.id   2IOQ
#
_cell.length_a   105.124
_cell.length_b   105.124
_cell.length_c   531.077
_cell.angle_alpha   90.00
_cell.angle_beta   90.00
_cell.angle_gamma   120.00
#
_symmetry.space_group_name_H-M   'P 65 2 2'
#
_entity_poly.entity_id   1
_entity_poly.type   'polypeptide(L)'
_entity_poly.pdbx_seq_one_letter_code
;MKGQETRGFQSEVKQLLHLMIHSLYSNKEIFLRELISNASDAADKLRFRALSNPDLYEGDGELRVRVSFDKDKRTLTISD
NGVGMTRDEVIDHLGTIAKSGTKSFLESLGSDQAKDSQLIGQFGVGFYSAFIVADKVTVRTRAAGEKPENGVFWESAGEG
EYTVADITKEDRGTEITLHLREGEDEFLDDWRVRSIISKYSDHIALPVEIEKREEKDGETVISWEKINKAQALWTRNKSE
ITDEEYKEFYKHIAHDFNDPLTWSHNRVEGKQEYTSLLYIPSQAPWDMWNRDHKHGLKLYVQRVFIMDDAEQFMPNYLRF
VRGLIDSSDLPLNVSREILQDSTVTRNLRNALTKRVLQMLEKLAKDDAEKYQTFWQQFGLVLKEGPAEDFANQEAIAKLL
RFASTHTDSSAQTVSLEDYVSRMKEGQEKIYYITADSYAAAKSSPHLELLRKKGIEVLLLSDRIDEWMMNYLTEFDGKPF
QSVSKVDESLEKLADEVDESAKEAEKALTPFIDRVKALLGERVKDVRLTHRLTDTPAIVSTDADEMSTQMAKLFAAAGQK
VPEVKYIFELNPDHVLVKRAADTEDEAKFSEWVELLLDQALLAERGTLEDPNLFIRRMNQLLVS
;
_entity_poly.pdbx_strand_id   A,B
#
# COMPACT_ATOMS: atom_id res chain seq x y z
N GLN A 15 -44.90 -1.03 -10.34
CA GLN A 15 -43.58 -1.73 -10.42
C GLN A 15 -43.65 -2.88 -11.41
N LEU A 16 -44.75 -3.63 -11.36
CA LEU A 16 -44.86 -4.87 -12.12
C LEU A 16 -45.08 -4.60 -13.62
N LEU A 17 -45.72 -3.49 -13.95
CA LEU A 17 -46.03 -3.17 -15.34
C LEU A 17 -44.74 -3.03 -16.14
N HIS A 18 -43.78 -2.28 -15.59
CA HIS A 18 -42.49 -2.12 -16.22
C HIS A 18 -41.56 -3.21 -15.73
N LEU A 19 -42.14 -4.19 -15.04
CA LEU A 19 -41.52 -5.51 -14.91
C LEU A 19 -41.94 -6.36 -16.11
N MET A 20 -43.21 -6.29 -16.47
CA MET A 20 -43.75 -7.14 -17.54
C MET A 20 -43.15 -6.83 -18.91
N ILE A 21 -42.88 -5.55 -19.15
CA ILE A 21 -42.52 -5.11 -20.50
C ILE A 21 -41.33 -5.93 -20.98
N HIS A 22 -40.44 -6.25 -20.04
CA HIS A 22 -39.20 -6.95 -20.37
C HIS A 22 -39.20 -8.37 -19.81
N SER A 23 -40.25 -8.73 -19.08
CA SER A 23 -40.52 -10.12 -18.74
C SER A 23 -40.88 -10.83 -20.04
N LEU A 24 -41.51 -10.07 -20.94
CA LEU A 24 -41.31 -10.26 -22.36
C LEU A 24 -39.79 -10.42 -22.54
N TYR A 25 -39.13 -9.28 -22.74
CA TYR A 25 -37.81 -9.24 -23.38
C TYR A 25 -37.89 -9.83 -24.77
N SER A 26 -38.96 -10.57 -25.05
CA SER A 26 -38.93 -11.59 -26.08
C SER A 26 -38.07 -12.72 -25.56
N ASN A 27 -37.26 -12.41 -24.56
CA ASN A 27 -36.15 -13.26 -24.15
C ASN A 27 -36.69 -13.78 -22.82
N LYS A 28 -37.88 -14.37 -22.88
CA LYS A 28 -38.07 -15.76 -22.45
C LYS A 28 -37.26 -16.50 -21.38
N GLU A 29 -36.00 -16.83 -21.69
CA GLU A 29 -35.17 -17.65 -20.79
C GLU A 29 -34.89 -16.94 -19.47
N ILE A 30 -35.36 -15.71 -19.38
CA ILE A 30 -35.12 -14.84 -18.22
C ILE A 30 -35.47 -15.52 -16.90
N PHE A 31 -36.55 -16.30 -16.90
CA PHE A 31 -37.03 -16.95 -15.69
C PHE A 31 -35.87 -17.61 -14.94
N LEU A 32 -35.01 -18.29 -15.68
CA LEU A 32 -34.00 -19.15 -15.05
C LEU A 32 -33.09 -18.29 -14.18
N ARG A 33 -32.51 -17.26 -14.79
CA ARG A 33 -31.79 -16.23 -14.05
C ARG A 33 -32.55 -15.88 -12.78
N GLU A 34 -33.72 -15.27 -12.95
CA GLU A 34 -34.46 -14.73 -11.81
C GLU A 34 -34.64 -15.76 -10.70
N LEU A 35 -34.84 -17.01 -11.09
CA LEU A 35 -34.98 -18.09 -10.11
C LEU A 35 -33.68 -18.32 -9.36
N ILE A 36 -32.57 -18.40 -10.10
CA ILE A 36 -31.27 -18.59 -9.47
C ILE A 36 -31.00 -17.47 -8.48
N SER A 37 -31.37 -16.24 -8.86
CA SER A 37 -31.35 -15.13 -7.93
C SER A 37 -32.03 -15.53 -6.63
N ASN A 38 -33.30 -15.93 -6.73
CA ASN A 38 -34.05 -16.42 -5.59
C ASN A 38 -33.26 -17.47 -4.82
N ALA A 39 -32.64 -18.40 -5.55
CA ALA A 39 -31.89 -19.48 -4.94
C ALA A 39 -30.80 -18.91 -4.02
N SER A 40 -30.02 -17.97 -4.56
CA SER A 40 -29.00 -17.31 -3.78
C SER A 40 -29.57 -16.69 -2.52
N ASP A 41 -30.37 -15.64 -2.67
CA ASP A 41 -30.96 -14.95 -1.54
C ASP A 41 -31.47 -15.95 -0.50
N ALA A 42 -32.02 -17.06 -0.97
CA ALA A 42 -32.49 -18.11 -0.08
C ALA A 42 -31.33 -18.61 0.77
N ALA A 43 -30.26 -19.05 0.12
CA ALA A 43 -29.07 -19.50 0.81
C ALA A 43 -28.67 -18.48 1.88
N ASP A 44 -28.54 -17.22 1.49
CA ASP A 44 -28.13 -16.16 2.40
C ASP A 44 -28.98 -16.16 3.66
N LYS A 45 -30.25 -15.82 3.51
CA LYS A 45 -31.16 -15.75 4.65
C LYS A 45 -31.01 -16.98 5.53
N LEU A 46 -30.75 -18.12 4.91
CA LEU A 46 -30.48 -19.34 5.66
C LEU A 46 -29.17 -19.23 6.44
N ARG A 47 -28.07 -19.03 5.72
CA ARG A 47 -26.76 -18.95 6.35
C ARG A 47 -26.72 -17.91 7.46
N PHE A 48 -27.48 -16.82 7.28
CA PHE A 48 -27.60 -15.82 8.32
C PHE A 48 -28.27 -16.43 9.55
N ARG A 49 -29.50 -16.91 9.36
CA ARG A 49 -30.27 -17.47 10.47
C ARG A 49 -29.49 -18.58 11.17
N ALA A 50 -28.50 -19.13 10.48
CA ALA A 50 -27.70 -20.23 11.00
C ALA A 50 -27.06 -19.87 12.34
N LEU A 51 -26.46 -18.69 12.42
CA LEU A 51 -25.60 -18.35 13.55
C LEU A 51 -26.35 -18.42 14.87
N SER A 52 -27.59 -17.94 14.87
CA SER A 52 -28.39 -17.87 16.09
C SER A 52 -29.00 -19.22 16.44
N ASN A 53 -28.71 -20.23 15.63
CA ASN A 53 -29.16 -21.59 15.89
C ASN A 53 -28.40 -22.56 14.99
N PRO A 54 -27.14 -22.84 15.34
CA PRO A 54 -26.16 -23.53 14.49
C PRO A 54 -26.62 -24.91 14.01
N ASP A 55 -27.79 -25.33 14.48
CA ASP A 55 -28.29 -26.67 14.19
C ASP A 55 -29.04 -26.72 12.86
N LEU A 56 -29.59 -25.58 12.45
CA LEU A 56 -30.50 -25.55 11.31
C LEU A 56 -29.89 -26.13 10.04
N TYR A 57 -28.58 -26.26 10.01
CA TYR A 57 -27.90 -26.83 8.85
C TYR A 57 -28.23 -28.32 8.71
N GLU A 58 -28.63 -28.93 9.81
CA GLU A 58 -28.99 -30.35 9.81
C GLU A 58 -27.90 -31.22 9.21
N GLY A 59 -26.66 -30.89 9.54
CA GLY A 59 -25.53 -31.68 9.05
C GLY A 59 -25.18 -31.31 7.63
N ASP A 60 -26.19 -31.11 6.80
CA ASP A 60 -25.98 -30.73 5.41
C ASP A 60 -25.45 -29.30 5.35
N GLY A 61 -24.15 -29.16 5.17
CA GLY A 61 -23.53 -27.85 5.21
C GLY A 61 -23.01 -27.42 3.84
N GLU A 62 -22.81 -28.38 2.96
CA GLU A 62 -22.52 -28.08 1.56
C GLU A 62 -23.77 -27.56 0.87
N LEU A 63 -24.03 -26.27 1.04
CA LEU A 63 -25.25 -25.65 0.51
C LEU A 63 -25.06 -25.29 -0.96
N ARG A 64 -26.13 -25.45 -1.74
CA ARG A 64 -26.02 -25.31 -3.18
C ARG A 64 -27.40 -25.22 -3.85
N VAL A 65 -27.41 -25.36 -5.17
CA VAL A 65 -28.65 -25.44 -5.94
C VAL A 65 -28.46 -26.32 -7.16
N ARG A 66 -29.32 -27.33 -7.29
CA ARG A 66 -29.18 -28.31 -8.36
C ARG A 66 -30.29 -28.18 -9.40
N VAL A 67 -29.90 -27.99 -10.65
CA VAL A 67 -30.86 -27.96 -11.76
C VAL A 67 -30.94 -29.32 -12.44
N SER A 68 -32.17 -29.73 -12.76
CA SER A 68 -32.41 -30.99 -13.44
C SER A 68 -33.55 -30.81 -14.44
N PHE A 69 -33.87 -31.87 -15.18
CA PHE A 69 -34.91 -31.80 -16.20
C PHE A 69 -35.28 -33.18 -16.71
N ASP A 70 -36.54 -33.35 -17.08
CA ASP A 70 -37.05 -34.64 -17.54
C ASP A 70 -37.59 -34.51 -18.96
N LYS A 71 -37.07 -35.34 -19.87
CA LYS A 71 -37.36 -35.21 -21.28
C LYS A 71 -38.79 -35.65 -21.61
N ASP A 72 -39.26 -36.68 -20.91
CA ASP A 72 -40.51 -37.34 -21.26
C ASP A 72 -41.71 -36.65 -20.65
N LYS A 73 -41.63 -36.36 -19.35
CA LYS A 73 -42.65 -35.56 -18.67
C LYS A 73 -42.51 -34.10 -19.03
N ARG A 74 -41.36 -33.75 -19.61
CA ARG A 74 -41.13 -32.42 -20.17
C ARG A 74 -41.15 -31.34 -19.11
N THR A 75 -40.26 -31.47 -18.14
CA THR A 75 -40.23 -30.55 -17.00
C THR A 75 -38.80 -30.08 -16.72
N LEU A 76 -38.66 -28.81 -16.38
CA LEU A 76 -37.41 -28.31 -15.83
C LEU A 76 -37.60 -28.13 -14.32
N THR A 77 -36.51 -28.24 -13.57
CA THR A 77 -36.61 -28.58 -12.16
C THR A 77 -35.48 -27.97 -11.35
N ILE A 78 -35.73 -26.81 -10.76
CA ILE A 78 -34.71 -26.12 -9.96
C ILE A 78 -34.95 -26.40 -8.47
N SER A 79 -33.97 -27.04 -7.84
CA SER A 79 -34.11 -27.44 -6.44
C SER A 79 -32.94 -26.97 -5.58
N ASP A 80 -33.19 -25.96 -4.75
CA ASP A 80 -32.18 -25.44 -3.85
C ASP A 80 -32.38 -25.99 -2.44
N ASN A 81 -31.32 -25.96 -1.65
CA ASN A 81 -31.41 -26.35 -0.25
C ASN A 81 -31.14 -25.16 0.65
N GLY A 82 -31.89 -24.08 0.43
CA GLY A 82 -31.77 -22.91 1.28
C GLY A 82 -32.61 -23.02 2.54
N VAL A 83 -33.50 -22.05 2.74
CA VAL A 83 -34.24 -21.94 3.99
C VAL A 83 -35.69 -22.38 3.83
N GLY A 84 -36.10 -22.62 2.59
CA GLY A 84 -37.45 -23.10 2.35
C GLY A 84 -38.50 -22.10 2.78
N MET A 85 -39.69 -22.59 3.09
CA MET A 85 -40.80 -21.72 3.47
C MET A 85 -41.74 -22.43 4.46
N THR A 86 -42.21 -21.68 5.45
CA THR A 86 -43.33 -22.14 6.27
C THR A 86 -44.59 -22.09 5.41
N ARG A 87 -45.60 -22.88 5.78
CA ARG A 87 -46.86 -22.83 5.08
C ARG A 87 -47.31 -21.38 4.92
N ASP A 88 -47.44 -20.69 6.05
CA ASP A 88 -47.96 -19.34 6.06
C ASP A 88 -47.20 -18.48 5.07
N GLU A 89 -45.88 -18.67 5.00
CA GLU A 89 -45.06 -17.95 4.04
C GLU A 89 -45.47 -18.27 2.61
N VAL A 90 -45.72 -19.56 2.36
CA VAL A 90 -46.14 -19.99 1.04
C VAL A 90 -47.49 -19.38 0.69
N ILE A 91 -48.35 -19.26 1.70
CA ILE A 91 -49.67 -18.68 1.53
C ILE A 91 -49.61 -17.16 1.43
N ASP A 92 -48.71 -16.55 2.21
CA ASP A 92 -48.60 -15.10 2.26
C ASP A 92 -47.88 -14.56 1.04
N HIS A 93 -47.04 -15.39 0.43
CA HIS A 93 -46.28 -14.96 -0.73
C HIS A 93 -46.89 -15.48 -2.03
N LEU A 94 -46.75 -16.78 -2.27
CA LEU A 94 -47.23 -17.38 -3.52
C LEU A 94 -48.72 -17.14 -3.74
N GLY A 95 -49.46 -17.06 -2.63
CA GLY A 95 -50.89 -16.85 -2.72
C GLY A 95 -51.30 -15.41 -2.57
N THR A 96 -50.32 -14.52 -2.49
CA THR A 96 -50.54 -13.10 -2.73
C THR A 96 -50.24 -12.82 -4.19
N ILE A 97 -49.73 -13.83 -4.88
CA ILE A 97 -49.41 -13.71 -6.30
C ILE A 97 -50.55 -14.30 -7.11
N ALA A 98 -51.19 -15.33 -6.58
CA ALA A 98 -52.41 -15.84 -7.18
C ALA A 98 -53.54 -14.84 -7.04
N LYS A 99 -54.63 -15.24 -6.38
CA LYS A 99 -55.76 -14.35 -6.15
C LYS A 99 -55.82 -13.92 -4.68
N LYS A 115 -43.74 -4.26 1.45
CA LYS A 115 -44.21 -5.42 2.21
C LYS A 115 -44.66 -6.53 1.28
N ASP A 116 -45.78 -6.29 0.59
CA ASP A 116 -46.28 -7.23 -0.41
C ASP A 116 -45.59 -6.97 -1.75
N SER A 117 -45.28 -5.70 -2.00
CA SER A 117 -44.47 -5.32 -3.14
C SER A 117 -43.02 -5.65 -2.83
N GLN A 118 -42.76 -5.96 -1.56
CA GLN A 118 -41.43 -6.37 -1.11
C GLN A 118 -41.24 -7.86 -1.36
N LEU A 119 -42.35 -8.56 -1.60
CA LEU A 119 -42.29 -9.92 -2.09
C LEU A 119 -42.29 -9.88 -3.61
N ILE A 120 -43.09 -8.99 -4.19
CA ILE A 120 -43.09 -8.80 -5.63
C ILE A 120 -41.72 -8.28 -6.05
N GLY A 121 -40.97 -7.74 -5.09
CA GLY A 121 -39.65 -7.22 -5.39
C GLY A 121 -38.79 -8.19 -6.15
N GLN A 122 -38.20 -9.15 -5.44
CA GLN A 122 -37.34 -10.14 -6.07
C GLN A 122 -38.18 -11.20 -6.78
N PHE A 123 -39.30 -11.58 -6.16
CA PHE A 123 -39.97 -12.82 -6.52
C PHE A 123 -40.93 -12.70 -7.70
N GLY A 124 -41.62 -11.57 -7.81
CA GLY A 124 -42.60 -11.41 -8.86
C GLY A 124 -42.07 -11.78 -10.23
N VAL A 125 -40.95 -11.16 -10.61
CA VAL A 125 -40.36 -11.37 -11.92
C VAL A 125 -40.29 -12.86 -12.21
N GLY A 126 -39.61 -13.60 -11.35
CA GLY A 126 -39.51 -15.04 -11.52
C GLY A 126 -40.86 -15.68 -11.80
N PHE A 127 -41.80 -15.48 -10.89
CA PHE A 127 -43.14 -16.04 -11.03
C PHE A 127 -43.65 -15.88 -12.46
N TYR A 128 -44.04 -14.66 -12.81
CA TYR A 128 -44.71 -14.42 -14.08
C TYR A 128 -43.87 -14.94 -15.25
N SER A 129 -42.58 -14.67 -15.20
CA SER A 129 -41.65 -15.11 -16.23
C SER A 129 -41.74 -16.63 -16.37
N ALA A 130 -41.67 -17.33 -15.24
CA ALA A 130 -41.76 -18.78 -15.23
C ALA A 130 -42.99 -19.25 -15.97
N PHE A 131 -44.12 -18.57 -15.76
CA PHE A 131 -45.37 -18.95 -16.39
C PHE A 131 -45.43 -18.57 -17.86
N ILE A 132 -44.43 -17.82 -18.32
CA ILE A 132 -44.24 -17.65 -19.76
C ILE A 132 -43.82 -18.95 -20.44
N VAL A 133 -42.92 -19.69 -19.79
CA VAL A 133 -42.37 -20.91 -20.38
C VAL A 133 -43.16 -22.15 -19.99
N ALA A 134 -43.85 -22.08 -18.86
CA ALA A 134 -44.55 -23.24 -18.32
C ALA A 134 -46.03 -22.96 -18.16
N ASP A 135 -46.83 -24.02 -18.03
CA ASP A 135 -48.28 -23.88 -18.00
C ASP A 135 -48.85 -24.41 -16.68
N LYS A 136 -48.06 -25.26 -16.02
CA LYS A 136 -48.28 -25.58 -14.61
C LYS A 136 -46.96 -25.45 -13.86
N VAL A 137 -46.97 -24.71 -12.76
CA VAL A 137 -45.80 -24.60 -11.92
C VAL A 137 -46.05 -25.19 -10.54
N THR A 138 -45.05 -25.88 -10.01
CA THR A 138 -45.19 -26.64 -8.77
C THR A 138 -44.05 -26.34 -7.80
N VAL A 139 -44.39 -25.77 -6.66
CA VAL A 139 -43.40 -25.54 -5.61
C VAL A 139 -43.50 -26.65 -4.58
N ARG A 140 -42.41 -26.89 -3.85
CA ARG A 140 -42.36 -27.99 -2.88
C ARG A 140 -41.30 -27.70 -1.83
N THR A 141 -41.70 -26.99 -0.78
CA THR A 141 -40.76 -26.46 0.19
C THR A 141 -40.69 -27.24 1.49
N ARG A 142 -39.71 -26.91 2.32
CA ARG A 142 -39.68 -27.34 3.72
C ARG A 142 -38.72 -26.44 4.49
N ALA A 143 -39.28 -25.44 5.17
CA ALA A 143 -38.50 -24.39 5.81
C ALA A 143 -37.49 -24.95 6.80
N ALA A 144 -36.27 -24.41 6.75
CA ALA A 144 -35.18 -24.89 7.60
C ALA A 144 -35.59 -24.99 9.06
N GLY A 145 -35.31 -26.14 9.65
CA GLY A 145 -35.61 -26.33 11.06
C GLY A 145 -36.92 -27.07 11.30
N GLU A 146 -37.92 -26.79 10.48
CA GLU A 146 -39.25 -27.34 10.70
C GLU A 146 -39.26 -28.85 10.52
N LYS A 147 -40.21 -29.51 11.18
CA LYS A 147 -40.34 -30.96 11.07
C LYS A 147 -40.80 -31.36 9.67
N PRO A 148 -40.21 -32.43 9.12
CA PRO A 148 -40.37 -32.80 7.72
C PRO A 148 -41.82 -33.08 7.32
N GLU A 149 -42.68 -33.24 8.32
CA GLU A 149 -44.11 -33.40 8.09
C GLU A 149 -44.78 -32.06 7.82
N ASN A 150 -44.14 -30.99 8.28
CA ASN A 150 -44.67 -29.64 8.13
C ASN A 150 -44.19 -28.99 6.83
N GLY A 151 -43.60 -29.79 5.95
CA GLY A 151 -43.29 -29.30 4.62
C GLY A 151 -44.52 -28.74 3.94
N VAL A 152 -44.35 -28.22 2.73
CA VAL A 152 -45.47 -27.63 2.01
C VAL A 152 -45.43 -27.91 0.51
N PHE A 153 -46.59 -27.78 -0.13
CA PHE A 153 -46.72 -28.02 -1.56
C PHE A 153 -47.58 -26.92 -2.19
N TRP A 154 -47.29 -26.59 -3.44
CA TRP A 154 -47.94 -25.48 -4.13
C TRP A 154 -47.97 -25.72 -5.63
N GLU A 155 -49.10 -25.41 -6.26
CA GLU A 155 -49.27 -25.63 -7.69
C GLU A 155 -50.27 -24.65 -8.29
N SER A 156 -50.08 -24.30 -9.56
CA SER A 156 -51.11 -23.60 -10.30
C SER A 156 -50.90 -23.60 -11.80
N ALA A 157 -51.99 -23.49 -12.54
CA ALA A 157 -51.95 -23.19 -13.96
C ALA A 157 -52.04 -21.67 -14.15
N GLY A 158 -51.47 -20.94 -13.20
CA GLY A 158 -51.31 -19.50 -13.37
C GLY A 158 -52.59 -18.71 -13.20
N GLU A 159 -53.73 -19.37 -13.40
CA GLU A 159 -55.02 -18.68 -13.37
C GLU A 159 -55.33 -18.14 -11.97
N GLY A 160 -56.57 -17.75 -11.76
CA GLY A 160 -56.93 -17.12 -10.50
C GLY A 160 -57.01 -18.11 -9.35
N GLU A 161 -56.23 -19.18 -9.46
CA GLU A 161 -56.38 -20.33 -8.57
C GLU A 161 -55.04 -20.95 -8.23
N TYR A 162 -54.72 -21.00 -6.94
CA TYR A 162 -53.54 -21.72 -6.47
C TYR A 162 -53.95 -22.82 -5.51
N THR A 163 -53.14 -23.86 -5.42
CA THR A 163 -53.45 -25.01 -4.56
C THR A 163 -52.30 -25.34 -3.63
N VAL A 164 -52.56 -25.26 -2.33
CA VAL A 164 -51.53 -25.41 -1.32
C VAL A 164 -51.92 -26.45 -0.28
N ALA A 165 -50.99 -27.36 0.03
CA ALA A 165 -51.28 -28.44 0.96
C ALA A 165 -50.09 -28.81 1.82
N ASP A 166 -50.32 -28.93 3.12
CA ASP A 166 -49.43 -29.63 4.03
C ASP A 166 -48.92 -30.89 3.33
N ILE A 167 -47.60 -31.05 3.28
CA ILE A 167 -47.01 -32.31 2.81
C ILE A 167 -45.72 -32.62 3.55
N THR A 168 -45.14 -33.77 3.23
CA THR A 168 -43.85 -34.17 3.79
C THR A 168 -42.72 -34.07 2.76
N LYS A 169 -41.60 -33.49 3.18
CA LYS A 169 -40.38 -33.51 2.39
C LYS A 169 -39.17 -33.56 3.31
N GLU A 170 -38.48 -34.70 3.32
CA GLU A 170 -37.44 -34.96 4.29
C GLU A 170 -36.34 -33.90 4.29
N ASP A 171 -35.84 -33.60 3.10
CA ASP A 171 -34.78 -32.61 2.95
C ASP A 171 -35.23 -31.22 3.38
N ARG A 172 -34.29 -30.29 3.42
CA ARG A 172 -34.60 -28.90 3.74
C ARG A 172 -34.56 -28.08 2.45
N GLY A 173 -35.28 -26.96 2.44
CA GLY A 173 -35.17 -26.04 1.31
C GLY A 173 -36.40 -26.04 0.43
N THR A 174 -36.18 -25.79 -0.87
CA THR A 174 -37.28 -25.66 -1.81
C THR A 174 -36.99 -26.36 -3.13
N GLU A 175 -38.03 -26.93 -3.74
CA GLU A 175 -37.94 -27.53 -5.06
C GLU A 175 -39.00 -26.96 -5.99
N ILE A 176 -38.57 -26.28 -7.04
CA ILE A 176 -39.49 -25.74 -8.03
C ILE A 176 -39.45 -26.56 -9.31
N THR A 177 -40.62 -26.94 -9.81
CA THR A 177 -40.72 -27.82 -10.97
C THR A 177 -41.63 -27.19 -12.02
N LEU A 178 -41.21 -27.26 -13.28
CA LEU A 178 -41.91 -26.55 -14.35
C LEU A 178 -42.44 -27.49 -15.41
N HIS A 179 -43.76 -27.67 -15.43
CA HIS A 179 -44.43 -28.31 -16.55
C HIS A 179 -44.28 -27.38 -17.75
N LEU A 180 -43.48 -27.81 -18.72
CA LEU A 180 -43.17 -26.98 -19.88
C LEU A 180 -44.31 -26.90 -20.88
N ARG A 181 -44.48 -25.72 -21.46
CA ARG A 181 -45.56 -25.48 -22.42
C ARG A 181 -45.24 -26.07 -23.80
N GLU A 182 -46.26 -26.63 -24.43
CA GLU A 182 -46.10 -27.31 -25.71
C GLU A 182 -45.32 -26.42 -26.69
N GLY A 183 -44.11 -26.84 -27.02
CA GLY A 183 -43.33 -26.13 -28.01
C GLY A 183 -42.19 -25.31 -27.44
N GLU A 184 -41.82 -25.58 -26.19
CA GLU A 184 -40.64 -24.93 -25.61
C GLU A 184 -39.56 -25.94 -25.25
N ASP A 185 -39.48 -27.02 -26.03
CA ASP A 185 -38.46 -28.04 -25.85
C ASP A 185 -37.08 -27.41 -25.86
N GLU A 186 -37.02 -26.14 -26.28
CA GLU A 186 -35.79 -25.37 -26.27
C GLU A 186 -35.04 -25.50 -24.93
N PHE A 187 -35.80 -25.73 -23.86
CA PHE A 187 -35.22 -25.71 -22.52
C PHE A 187 -34.95 -27.10 -21.96
N LEU A 188 -35.13 -28.12 -22.81
CA LEU A 188 -34.76 -29.48 -22.44
C LEU A 188 -33.42 -29.87 -23.06
N ASP A 189 -32.75 -28.89 -23.67
CA ASP A 189 -31.52 -29.15 -24.40
C ASP A 189 -30.29 -28.90 -23.53
N ASP A 190 -29.58 -29.98 -23.23
CA ASP A 190 -28.50 -29.95 -22.24
C ASP A 190 -27.60 -28.72 -22.42
N TRP A 191 -27.29 -28.40 -23.68
CA TRP A 191 -26.36 -27.32 -23.96
C TRP A 191 -27.01 -25.96 -23.73
N ARG A 192 -28.25 -25.81 -24.20
CA ARG A 192 -29.00 -24.58 -24.02
C ARG A 192 -29.07 -24.21 -22.55
N VAL A 193 -29.46 -25.18 -21.73
CA VAL A 193 -29.63 -24.95 -20.30
C VAL A 193 -28.30 -24.57 -19.66
N ARG A 194 -27.30 -25.44 -19.83
CA ARG A 194 -25.99 -25.20 -19.24
C ARG A 194 -25.51 -23.78 -19.58
N SER A 195 -25.68 -23.41 -20.85
CA SER A 195 -25.38 -22.07 -21.31
C SER A 195 -26.15 -21.02 -20.52
N ILE A 196 -27.47 -21.14 -20.54
CA ILE A 196 -28.33 -20.17 -19.86
C ILE A 196 -27.97 -20.09 -18.38
N ILE A 197 -27.48 -21.20 -17.84
CA ILE A 197 -27.01 -21.22 -16.46
C ILE A 197 -25.84 -20.28 -16.28
N SER A 198 -24.73 -20.58 -16.94
CA SER A 198 -23.49 -19.82 -16.76
C SER A 198 -23.69 -18.34 -17.09
N LYS A 199 -24.55 -18.07 -18.08
CA LYS A 199 -24.87 -16.70 -18.44
C LYS A 199 -25.50 -15.93 -17.28
N TYR A 200 -25.55 -16.56 -16.11
CA TYR A 200 -25.90 -15.86 -14.88
C TYR A 200 -25.11 -16.43 -13.70
N SER A 201 -25.00 -17.76 -13.67
CA SER A 201 -24.33 -18.47 -12.59
C SER A 201 -23.02 -17.79 -12.20
N ASP A 202 -22.40 -17.13 -13.17
CA ASP A 202 -21.07 -16.57 -12.99
C ASP A 202 -20.99 -15.59 -11.81
N HIS A 203 -21.91 -14.64 -11.77
CA HIS A 203 -21.81 -13.54 -10.80
C HIS A 203 -22.43 -13.90 -9.46
N ILE A 204 -22.72 -15.19 -9.27
CA ILE A 204 -23.51 -15.63 -8.13
C ILE A 204 -22.66 -16.42 -7.13
N ALA A 205 -22.91 -16.19 -5.84
CA ALA A 205 -22.03 -16.69 -4.79
C ALA A 205 -22.33 -18.14 -4.42
N LEU A 206 -23.42 -18.68 -4.94
CA LEU A 206 -23.89 -19.99 -4.52
C LEU A 206 -23.59 -21.06 -5.57
N PRO A 207 -23.05 -22.21 -5.14
CA PRO A 207 -22.69 -23.29 -6.04
C PRO A 207 -23.90 -23.82 -6.83
N VAL A 208 -23.86 -23.65 -8.14
CA VAL A 208 -24.99 -24.03 -8.99
C VAL A 208 -24.68 -25.31 -9.76
N GLU A 209 -25.15 -26.44 -9.23
CA GLU A 209 -24.87 -27.74 -9.81
C GLU A 209 -25.93 -28.11 -10.83
N ILE A 210 -25.69 -29.19 -11.57
CA ILE A 210 -26.61 -29.61 -12.61
C ILE A 210 -26.45 -31.11 -12.88
N GLU A 211 -27.52 -31.73 -13.39
CA GLU A 211 -27.65 -33.18 -13.38
C GLU A 211 -26.76 -33.85 -14.41
N LYS A 212 -25.71 -34.52 -13.93
CA LYS A 212 -24.89 -35.38 -14.78
C LYS A 212 -25.28 -36.84 -14.54
N ARG A 213 -26.10 -37.37 -15.44
CA ARG A 213 -26.50 -38.77 -15.35
C ARG A 213 -25.94 -39.54 -16.53
N GLU A 214 -25.14 -40.56 -16.25
CA GLU A 214 -24.64 -41.42 -17.31
C GLU A 214 -25.20 -42.82 -17.13
N GLU A 215 -25.94 -43.29 -18.14
CA GLU A 215 -26.62 -44.56 -18.06
C GLU A 215 -25.79 -45.71 -18.63
N LYS A 216 -25.11 -46.45 -17.75
CA LYS A 216 -24.55 -47.74 -18.13
C LYS A 216 -25.53 -48.83 -17.68
N ASP A 217 -25.53 -49.95 -18.40
CA ASP A 217 -26.46 -51.05 -18.14
C ASP A 217 -26.33 -51.62 -16.73
N GLY A 218 -27.19 -51.14 -15.84
CA GLY A 218 -27.16 -51.59 -14.46
C GLY A 218 -26.90 -50.43 -13.54
N GLU A 219 -25.89 -49.62 -13.88
CA GLU A 219 -25.57 -48.43 -13.12
C GLU A 219 -26.00 -47.18 -13.89
N THR A 220 -27.20 -46.70 -13.59
CA THR A 220 -27.65 -45.41 -14.07
C THR A 220 -27.18 -44.38 -13.06
N VAL A 221 -25.98 -43.87 -13.29
CA VAL A 221 -25.23 -43.16 -12.24
C VAL A 221 -25.50 -41.66 -12.22
N ILE A 222 -25.76 -41.16 -11.01
CA ILE A 222 -26.08 -39.76 -10.78
C ILE A 222 -24.91 -39.08 -10.07
N SER A 223 -24.49 -37.95 -10.62
CA SER A 223 -23.66 -37.00 -9.88
C SER A 223 -24.02 -35.60 -10.35
N TRP A 224 -23.54 -34.59 -9.63
CA TRP A 224 -23.87 -33.22 -9.97
C TRP A 224 -22.61 -32.37 -10.18
N GLU A 225 -22.59 -31.64 -11.28
CA GLU A 225 -21.43 -30.82 -11.60
C GLU A 225 -21.77 -29.33 -11.56
N LYS A 226 -20.96 -28.56 -10.86
CA LYS A 226 -21.20 -27.13 -10.73
C LYS A 226 -20.66 -26.39 -11.94
N ILE A 227 -21.46 -25.49 -12.49
CA ILE A 227 -21.07 -24.72 -13.66
C ILE A 227 -20.53 -23.37 -13.19
N ASN A 228 -20.44 -23.22 -11.87
CA ASN A 228 -20.22 -21.91 -11.26
C ASN A 228 -18.90 -21.88 -10.49
N LYS A 229 -18.11 -20.84 -10.71
CA LYS A 229 -16.96 -20.55 -9.88
C LYS A 229 -17.34 -20.49 -8.41
N ALA A 230 -18.50 -19.90 -8.13
CA ALA A 230 -19.02 -19.83 -6.77
C ALA A 230 -18.08 -19.11 -5.84
N GLN A 231 -18.25 -17.82 -5.80
CA GLN A 231 -17.49 -17.06 -4.86
C GLN A 231 -18.07 -15.67 -4.85
N ALA A 232 -18.34 -15.17 -3.66
CA ALA A 232 -18.84 -13.82 -3.49
C ALA A 232 -18.09 -12.84 -4.39
N LEU A 233 -18.78 -12.31 -5.39
CA LEU A 233 -18.12 -11.55 -6.44
C LEU A 233 -17.32 -10.39 -5.88
N TRP A 234 -17.77 -9.85 -4.76
CA TRP A 234 -17.10 -8.71 -4.15
C TRP A 234 -15.82 -9.14 -3.43
N THR A 235 -15.74 -10.40 -3.05
CA THR A 235 -14.57 -10.91 -2.36
C THR A 235 -13.49 -11.28 -3.38
N ARG A 236 -13.90 -11.37 -4.64
CA ARG A 236 -12.95 -11.57 -5.74
C ARG A 236 -12.20 -10.28 -6.04
N ASN A 237 -11.14 -10.39 -6.84
CA ASN A 237 -10.26 -9.25 -7.09
C ASN A 237 -10.63 -8.52 -8.37
N LYS A 238 -10.49 -7.20 -8.33
CA LYS A 238 -11.13 -6.30 -9.29
C LYS A 238 -10.75 -6.57 -10.75
N SER A 239 -9.67 -7.32 -10.96
CA SER A 239 -9.16 -7.55 -12.30
C SER A 239 -9.94 -8.63 -13.02
N GLU A 240 -10.37 -9.65 -12.28
CA GLU A 240 -10.98 -10.84 -12.88
C GLU A 240 -12.47 -10.66 -13.06
N ILE A 241 -13.03 -9.64 -12.41
CA ILE A 241 -14.46 -9.41 -12.44
C ILE A 241 -14.84 -8.57 -13.67
N THR A 242 -15.43 -9.23 -14.66
CA THR A 242 -15.82 -8.57 -15.90
C THR A 242 -16.95 -7.57 -15.68
N ASP A 243 -17.14 -6.67 -16.64
CA ASP A 243 -18.22 -5.69 -16.57
C ASP A 243 -19.57 -6.39 -16.50
N GLU A 244 -19.71 -7.47 -17.26
CA GLU A 244 -20.90 -8.30 -17.19
C GLU A 244 -21.21 -8.69 -15.74
N GLU A 245 -20.31 -9.46 -15.13
CA GLU A 245 -20.47 -9.87 -13.75
C GLU A 245 -20.86 -8.69 -12.86
N TYR A 246 -20.29 -7.52 -13.13
CA TYR A 246 -20.56 -6.33 -12.34
C TYR A 246 -21.99 -5.83 -12.54
N LYS A 247 -22.40 -5.70 -13.80
CA LYS A 247 -23.74 -5.23 -14.14
C LYS A 247 -24.80 -6.19 -13.60
N GLU A 248 -24.67 -7.46 -13.99
CA GLU A 248 -25.66 -8.47 -13.63
C GLU A 248 -25.75 -8.63 -12.12
N PHE A 249 -24.65 -8.37 -11.43
CA PHE A 249 -24.63 -8.48 -9.98
C PHE A 249 -25.42 -7.34 -9.36
N TYR A 250 -25.35 -6.16 -9.99
CA TYR A 250 -26.20 -5.04 -9.58
C TYR A 250 -27.67 -5.43 -9.70
N LYS A 251 -28.01 -6.08 -10.81
CA LYS A 251 -29.37 -6.61 -10.97
C LYS A 251 -29.77 -7.42 -9.75
N HIS A 252 -28.93 -8.40 -9.39
CA HIS A 252 -29.28 -9.40 -8.41
C HIS A 252 -29.40 -8.85 -7.00
N ILE A 253 -28.67 -7.76 -6.73
CA ILE A 253 -28.70 -7.15 -5.41
C ILE A 253 -29.71 -5.98 -5.30
N ALA A 254 -30.04 -5.38 -6.42
CA ALA A 254 -30.89 -4.19 -6.42
C ALA A 254 -32.24 -4.44 -7.08
N HIS A 255 -32.55 -5.70 -7.32
CA HIS A 255 -33.86 -6.10 -7.84
C HIS A 255 -34.31 -5.17 -8.95
N ASP A 256 -33.34 -4.72 -9.75
CA ASP A 256 -33.63 -3.89 -10.92
C ASP A 256 -32.96 -4.58 -12.10
N PHE A 257 -33.55 -4.45 -13.29
CA PHE A 257 -32.88 -4.93 -14.48
C PHE A 257 -32.86 -3.88 -15.60
N ASN A 258 -32.73 -2.62 -15.20
CA ASN A 258 -31.96 -1.65 -15.96
C ASN A 258 -30.51 -1.92 -15.62
N ASP A 259 -29.62 -1.78 -16.60
CA ASP A 259 -28.18 -1.85 -16.31
C ASP A 259 -27.78 -0.65 -15.46
N PRO A 260 -26.84 -0.86 -14.53
CA PRO A 260 -26.35 0.24 -13.68
C PRO A 260 -25.54 1.25 -14.49
N LEU A 261 -25.22 2.38 -13.87
CA LEU A 261 -24.43 3.40 -14.56
C LEU A 261 -22.93 3.15 -14.36
N THR A 262 -22.53 2.94 -13.12
CA THR A 262 -21.13 2.68 -12.81
C THR A 262 -20.92 2.53 -11.31
N TRP A 263 -19.81 1.92 -10.93
CA TRP A 263 -19.65 1.37 -9.59
C TRP A 263 -18.29 1.67 -8.99
N SER A 264 -18.04 1.10 -7.82
CA SER A 264 -16.82 1.35 -7.06
C SER A 264 -16.47 0.15 -6.17
N HIS A 265 -15.52 -0.66 -6.62
CA HIS A 265 -15.15 -1.85 -5.90
C HIS A 265 -13.84 -1.60 -5.14
N ASN A 266 -13.95 -1.34 -3.85
CA ASN A 266 -12.81 -0.91 -3.06
C ASN A 266 -12.65 -1.71 -1.77
N ARG A 267 -11.44 -2.21 -1.53
CA ARG A 267 -11.15 -2.97 -0.34
C ARG A 267 -10.36 -2.13 0.67
N VAL A 268 -10.36 -2.55 1.93
CA VAL A 268 -9.64 -1.84 2.98
C VAL A 268 -9.14 -2.79 4.06
N GLU A 269 -7.88 -2.62 4.45
CA GLU A 269 -7.25 -3.48 5.44
C GLU A 269 -6.80 -2.66 6.64
N GLY A 270 -6.54 -3.33 7.75
CA GLY A 270 -5.93 -2.65 8.90
C GLY A 270 -6.77 -2.79 10.16
N LYS A 271 -7.16 -1.66 10.74
CA LYS A 271 -8.19 -1.65 11.77
C LYS A 271 -9.50 -2.01 11.09
N GLN A 272 -10.07 -1.02 10.42
CA GLN A 272 -11.12 -1.26 9.44
C GLN A 272 -10.57 -2.13 8.32
N GLU A 273 -10.82 -3.43 8.42
CA GLU A 273 -10.79 -4.30 7.24
C GLU A 273 -12.20 -4.54 6.77
N TYR A 274 -12.61 -3.81 5.73
CA TYR A 274 -13.84 -4.11 5.03
C TYR A 274 -13.67 -4.00 3.52
N THR A 275 -14.33 -4.90 2.80
CA THR A 275 -14.56 -4.72 1.37
C THR A 275 -15.86 -3.93 1.21
N SER A 276 -15.98 -3.21 0.09
CA SER A 276 -17.21 -2.49 -0.22
C SER A 276 -17.37 -2.30 -1.72
N LEU A 277 -18.59 -2.49 -2.20
CA LEU A 277 -18.88 -2.38 -3.62
C LEU A 277 -20.17 -1.59 -3.83
N LEU A 278 -20.02 -0.39 -4.38
CA LEU A 278 -21.17 0.50 -4.59
C LEU A 278 -21.51 0.66 -6.06
N TYR A 279 -22.80 0.76 -6.35
CA TYR A 279 -23.27 1.07 -7.70
C TYR A 279 -24.01 2.40 -7.77
N ILE A 280 -24.36 2.82 -8.98
CA ILE A 280 -25.25 3.96 -9.20
C ILE A 280 -26.24 3.64 -10.31
N PRO A 281 -27.53 3.55 -9.97
CA PRO A 281 -28.57 3.15 -10.92
C PRO A 281 -28.68 4.06 -12.14
N SER A 282 -29.15 3.51 -13.24
CA SER A 282 -29.36 4.27 -14.46
C SER A 282 -30.73 4.93 -14.45
N GLN A 283 -31.60 4.44 -13.58
CA GLN A 283 -32.97 4.91 -13.52
C GLN A 283 -33.49 4.84 -12.07
N ALA A 284 -34.18 5.89 -11.64
CA ALA A 284 -34.57 6.02 -10.25
C ALA A 284 -35.90 5.31 -9.98
N PRO A 285 -36.00 4.63 -8.83
CA PRO A 285 -37.16 3.79 -8.49
C PRO A 285 -38.43 4.60 -8.24
N TRP A 286 -39.56 3.88 -8.18
CA TRP A 286 -40.83 4.47 -7.80
C TRP A 286 -40.68 5.24 -6.49
N ASP A 287 -40.38 4.51 -5.43
CA ASP A 287 -40.46 5.04 -4.08
C ASP A 287 -39.24 5.85 -3.66
N MET A 288 -38.65 6.58 -4.61
CA MET A 288 -37.62 7.54 -4.28
C MET A 288 -38.28 8.78 -3.68
N TRP A 289 -39.49 9.08 -4.14
CA TRP A 289 -40.20 10.26 -3.70
C TRP A 289 -41.41 9.90 -2.86
N ASN A 290 -41.28 8.82 -2.09
CA ASN A 290 -42.13 8.55 -0.95
C ASN A 290 -41.34 8.79 0.32
N ARG A 291 -42.02 8.84 1.46
CA ARG A 291 -41.35 8.79 2.74
C ARG A 291 -41.35 7.33 3.20
N ASP A 292 -41.69 6.44 2.27
CA ASP A 292 -41.51 5.02 2.48
C ASP A 292 -40.28 4.57 1.69
N HIS A 293 -39.36 3.92 2.39
CA HIS A 293 -38.01 3.69 1.86
C HIS A 293 -37.94 2.83 0.62
N LYS A 294 -36.70 2.60 0.18
CA LYS A 294 -36.23 1.29 -0.24
C LYS A 294 -34.79 1.19 0.26
N HIS A 295 -34.18 2.35 0.45
CA HIS A 295 -32.73 2.50 0.38
C HIS A 295 -31.97 1.70 1.42
N GLY A 296 -30.63 1.73 1.30
CA GLY A 296 -29.78 0.99 2.21
C GLY A 296 -28.84 0.09 1.43
N LEU A 297 -27.81 -0.40 2.11
CA LEU A 297 -26.85 -1.32 1.50
C LEU A 297 -26.94 -2.69 2.15
N LYS A 298 -26.45 -3.71 1.45
CA LYS A 298 -26.49 -5.07 1.96
C LYS A 298 -25.25 -5.29 2.83
N LEU A 299 -25.47 -5.46 4.13
CA LEU A 299 -24.38 -5.55 5.08
C LEU A 299 -23.99 -6.98 5.38
N TYR A 300 -22.80 -7.37 4.95
CA TYR A 300 -22.23 -8.67 5.30
C TYR A 300 -21.25 -8.50 6.45
N VAL A 301 -21.07 -9.56 7.23
CA VAL A 301 -20.04 -9.59 8.27
C VAL A 301 -19.27 -10.90 8.18
N GLN A 302 -18.06 -10.83 7.63
CA GLN A 302 -17.29 -12.01 7.33
C GLN A 302 -17.99 -12.87 6.28
N ARG A 303 -18.29 -12.26 5.14
CA ARG A 303 -18.83 -12.97 3.99
C ARG A 303 -20.20 -13.58 4.27
N VAL A 304 -20.81 -13.18 5.38
CA VAL A 304 -22.12 -13.69 5.77
C VAL A 304 -23.19 -12.61 5.84
N PHE A 305 -24.16 -12.69 4.93
CA PHE A 305 -25.30 -11.78 4.92
C PHE A 305 -25.77 -11.51 6.34
N ILE A 306 -26.25 -10.30 6.59
CA ILE A 306 -26.73 -9.92 7.92
C ILE A 306 -28.02 -9.10 7.84
N MET A 307 -28.16 -8.32 6.77
CA MET A 307 -29.42 -7.66 6.48
C MET A 307 -29.36 -6.94 5.14
N ASP A 308 -30.49 -6.93 4.43
CA ASP A 308 -30.62 -6.14 3.21
C ASP A 308 -31.13 -4.74 3.57
N ASP A 309 -30.86 -3.78 2.68
CA ASP A 309 -31.40 -2.44 2.82
C ASP A 309 -31.16 -1.88 4.22
N ALA A 310 -29.92 -1.97 4.68
CA ALA A 310 -29.48 -1.23 5.86
C ALA A 310 -28.97 0.14 5.43
N GLU A 311 -29.51 1.19 6.04
CA GLU A 311 -29.32 2.55 5.53
C GLU A 311 -28.51 3.45 6.46
N GLN A 312 -27.69 2.86 7.32
CA GLN A 312 -26.72 3.64 8.09
C GLN A 312 -25.56 4.10 7.22
N PHE A 313 -25.16 3.25 6.28
CA PHE A 313 -23.91 3.43 5.56
C PHE A 313 -24.04 4.36 4.37
N MET A 314 -25.16 5.05 4.28
CA MET A 314 -25.30 6.18 3.38
C MET A 314 -25.89 7.40 4.07
N PRO A 315 -25.37 8.60 3.76
CA PRO A 315 -26.06 9.85 4.09
C PRO A 315 -27.35 9.97 3.28
N ASN A 316 -28.37 10.57 3.88
CA ASN A 316 -29.69 10.62 3.25
C ASN A 316 -29.69 11.41 1.95
N TYR A 317 -28.62 12.14 1.67
CA TYR A 317 -28.51 12.84 0.40
C TYR A 317 -27.85 11.97 -0.66
N LEU A 318 -27.60 10.71 -0.31
CA LEU A 318 -27.00 9.75 -1.23
C LEU A 318 -27.82 8.47 -1.28
N ARG A 319 -29.02 8.51 -0.71
CA ARG A 319 -29.82 7.31 -0.53
C ARG A 319 -29.96 6.47 -1.80
N PHE A 320 -29.81 7.12 -2.95
CA PHE A 320 -29.94 6.41 -4.23
C PHE A 320 -28.78 5.45 -4.47
N VAL A 321 -27.75 5.55 -3.64
CA VAL A 321 -26.66 4.58 -3.67
C VAL A 321 -27.18 3.18 -3.38
N ARG A 322 -26.69 2.20 -4.12
CA ARG A 322 -27.02 0.80 -3.88
C ARG A 322 -25.79 -0.09 -4.01
N GLY A 323 -25.74 -1.12 -3.17
CA GLY A 323 -24.58 -1.99 -3.15
C GLY A 323 -24.38 -2.62 -1.79
N LEU A 324 -23.29 -3.35 -1.62
CA LEU A 324 -23.04 -4.04 -0.36
C LEU A 324 -21.69 -3.68 0.25
N ILE A 325 -21.47 -4.17 1.47
CA ILE A 325 -20.26 -3.86 2.23
C ILE A 325 -19.98 -4.97 3.23
N ASP A 326 -18.79 -5.57 3.12
CA ASP A 326 -18.44 -6.76 3.90
C ASP A 326 -17.40 -6.45 4.95
N SER A 327 -17.85 -6.17 6.17
CA SER A 327 -16.95 -5.83 7.27
C SER A 327 -16.46 -7.08 7.99
N SER A 328 -15.22 -7.01 8.46
CA SER A 328 -14.64 -8.11 9.23
C SER A 328 -14.41 -7.67 10.68
N ASP A 329 -14.97 -6.52 11.03
CA ASP A 329 -14.72 -5.91 12.33
C ASP A 329 -15.96 -5.87 13.23
N LEU A 330 -17.12 -5.59 12.65
CA LEU A 330 -18.35 -5.46 13.42
C LEU A 330 -18.71 -6.76 14.13
N PRO A 331 -19.51 -6.65 15.21
CA PRO A 331 -19.96 -7.82 15.97
C PRO A 331 -20.73 -8.82 15.11
N LEU A 332 -20.69 -10.08 15.50
CA LEU A 332 -21.36 -11.14 14.74
C LEU A 332 -22.84 -11.15 15.11
N ASN A 333 -23.19 -10.40 16.14
CA ASN A 333 -24.57 -10.26 16.56
C ASN A 333 -25.02 -8.80 16.46
N VAL A 334 -24.89 -8.23 15.27
CA VAL A 334 -25.17 -6.81 15.07
C VAL A 334 -26.66 -6.56 14.78
N SER A 335 -27.17 -5.46 15.33
CA SER A 335 -28.54 -5.04 15.07
C SER A 335 -28.55 -3.66 14.43
N ARG A 336 -29.72 -3.23 13.97
CA ARG A 336 -29.86 -1.89 13.40
C ARG A 336 -29.68 -0.85 14.51
N GLU A 337 -29.91 -1.29 15.74
CA GLU A 337 -29.69 -0.44 16.91
C GLU A 337 -28.20 -0.19 17.12
N ILE A 338 -27.44 -1.28 17.22
CA ILE A 338 -26.00 -1.18 17.39
C ILE A 338 -25.37 -0.35 16.27
N LEU A 339 -25.85 -0.58 15.04
CA LEU A 339 -25.35 0.15 13.89
C LEU A 339 -25.61 1.65 13.99
N GLN A 340 -26.89 2.01 14.09
CA GLN A 340 -27.28 3.42 14.07
C GLN A 340 -26.62 4.21 15.19
N ASP A 341 -26.46 3.58 16.35
CA ASP A 341 -25.97 4.29 17.53
C ASP A 341 -24.45 4.41 17.59
N SER A 342 -23.74 3.29 17.39
CA SER A 342 -22.30 3.26 17.62
C SER A 342 -21.54 4.16 16.65
N THR A 343 -20.21 4.03 16.65
CA THR A 343 -19.34 5.02 16.02
C THR A 343 -18.62 4.46 14.80
N VAL A 344 -18.28 3.17 14.86
CA VAL A 344 -17.63 2.50 13.74
C VAL A 344 -18.47 2.66 12.49
N THR A 345 -19.78 2.85 12.68
CA THR A 345 -20.69 3.10 11.58
C THR A 345 -20.40 4.48 11.00
N ARG A 346 -20.35 5.48 11.88
CA ARG A 346 -20.19 6.87 11.47
C ARG A 346 -18.94 7.00 10.58
N ASN A 347 -17.83 6.46 11.06
CA ASN A 347 -16.63 6.37 10.24
C ASN A 347 -16.94 5.69 8.92
N LEU A 348 -17.38 4.43 9.00
CA LEU A 348 -17.65 3.62 7.82
C LEU A 348 -18.48 4.42 6.83
N ARG A 349 -19.47 5.14 7.34
CA ARG A 349 -20.32 5.99 6.51
C ARG A 349 -19.50 6.99 5.75
N ASN A 350 -18.89 7.94 6.46
CA ASN A 350 -18.23 9.07 5.83
C ASN A 350 -17.24 8.58 4.77
N ALA A 351 -16.52 7.51 5.09
CA ALA A 351 -15.62 6.88 4.13
C ALA A 351 -16.39 6.55 2.86
N LEU A 352 -17.37 5.67 2.98
CA LEU A 352 -18.17 5.25 1.82
C LEU A 352 -18.74 6.45 1.10
N THR A 353 -19.14 7.47 1.86
CA THR A 353 -19.66 8.70 1.27
C THR A 353 -18.69 9.21 0.21
N LYS A 354 -17.46 9.52 0.63
CA LYS A 354 -16.45 10.01 -0.28
C LYS A 354 -16.29 9.06 -1.46
N ARG A 355 -16.28 7.76 -1.16
CA ARG A 355 -16.18 6.73 -2.19
C ARG A 355 -17.19 7.00 -3.30
N VAL A 356 -18.36 7.51 -2.92
CA VAL A 356 -19.46 7.70 -3.84
C VAL A 356 -19.28 8.99 -4.64
N LEU A 357 -19.03 10.09 -3.93
CA LEU A 357 -18.64 11.33 -4.59
C LEU A 357 -17.46 11.08 -5.53
N GLN A 358 -16.54 10.22 -5.09
CA GLN A 358 -15.44 9.78 -5.93
C GLN A 358 -16.02 9.22 -7.23
N MET A 359 -16.91 8.25 -7.09
CA MET A 359 -17.45 7.51 -8.23
C MET A 359 -18.12 8.45 -9.23
N LEU A 360 -18.61 9.58 -8.75
CA LEU A 360 -19.46 10.46 -9.55
C LEU A 360 -18.61 11.46 -10.32
N GLU A 361 -17.75 12.17 -9.60
CA GLU A 361 -16.70 12.98 -10.21
C GLU A 361 -16.07 12.17 -11.35
N LYS A 362 -15.69 10.94 -11.04
CA LYS A 362 -15.06 10.05 -11.99
C LYS A 362 -15.93 9.88 -13.23
N LEU A 363 -17.16 9.43 -13.02
CA LEU A 363 -18.09 9.22 -14.12
C LEU A 363 -18.37 10.53 -14.85
N ALA A 364 -18.33 11.62 -14.10
CA ALA A 364 -18.60 12.94 -14.66
C ALA A 364 -17.60 13.24 -15.77
N LYS A 365 -16.33 12.91 -15.54
CA LYS A 365 -15.28 13.22 -16.49
C LYS A 365 -15.11 12.15 -17.57
N ASP A 366 -15.48 10.92 -17.24
CA ASP A 366 -15.33 9.82 -18.19
C ASP A 366 -16.41 9.85 -19.26
N ASP A 367 -17.66 9.71 -18.84
CA ASP A 367 -18.77 9.62 -19.78
C ASP A 367 -19.83 10.66 -19.46
N ALA A 368 -19.66 11.86 -20.02
CA ALA A 368 -20.55 12.98 -19.72
C ALA A 368 -21.95 12.69 -20.24
N GLU A 369 -22.03 11.81 -21.23
CA GLU A 369 -23.31 11.32 -21.72
C GLU A 369 -24.08 10.62 -20.60
N LYS A 370 -23.38 9.77 -19.86
CA LYS A 370 -24.01 8.97 -18.82
C LYS A 370 -24.29 9.79 -17.57
N TYR A 371 -23.43 10.77 -17.29
CA TYR A 371 -23.63 11.62 -16.13
C TYR A 371 -24.85 12.51 -16.32
N GLN A 372 -24.96 13.10 -17.51
CA GLN A 372 -26.16 13.86 -17.86
C GLN A 372 -27.38 13.01 -17.54
N THR A 373 -27.28 11.72 -17.81
CA THR A 373 -28.33 10.76 -17.46
C THR A 373 -28.51 10.71 -15.95
N PHE A 374 -27.42 10.45 -15.24
CA PHE A 374 -27.46 10.37 -13.79
C PHE A 374 -28.09 11.61 -13.18
N TRP A 375 -27.69 12.78 -13.67
CA TRP A 375 -28.21 14.03 -13.16
C TRP A 375 -29.72 14.12 -13.36
N GLN A 376 -30.16 13.88 -14.59
CA GLN A 376 -31.58 13.89 -14.90
C GLN A 376 -32.34 12.90 -14.00
N GLN A 377 -31.60 12.00 -13.36
CA GLN A 377 -32.20 10.91 -12.63
C GLN A 377 -32.03 10.98 -11.12
N PHE A 378 -31.20 11.90 -10.65
CA PHE A 378 -30.85 11.94 -9.23
C PHE A 378 -30.48 13.33 -8.71
N GLY A 379 -30.28 14.27 -9.63
CA GLY A 379 -29.96 15.63 -9.23
C GLY A 379 -30.69 16.09 -7.99
N LEU A 380 -32.01 16.04 -8.03
CA LEU A 380 -32.84 16.66 -6.99
C LEU A 380 -32.50 16.11 -5.61
N VAL A 381 -31.95 14.90 -5.58
CA VAL A 381 -31.57 14.26 -4.32
C VAL A 381 -30.17 14.71 -3.90
N LEU A 382 -29.25 14.75 -4.85
CA LEU A 382 -27.93 15.31 -4.60
C LEU A 382 -28.06 16.71 -4.00
N LYS A 383 -28.94 17.51 -4.58
CA LYS A 383 -29.08 18.92 -4.20
C LYS A 383 -29.40 19.08 -2.72
N GLU A 384 -29.90 18.03 -2.09
CA GLU A 384 -30.11 18.04 -0.64
C GLU A 384 -28.76 18.10 0.06
N GLY A 385 -27.71 17.77 -0.66
CA GLY A 385 -26.42 17.49 -0.04
C GLY A 385 -25.76 18.64 0.68
N PRO A 386 -25.59 19.80 0.02
CA PRO A 386 -24.82 20.91 0.60
C PRO A 386 -25.30 21.32 1.98
N ALA A 387 -26.59 21.10 2.25
CA ALA A 387 -27.16 21.39 3.55
C ALA A 387 -26.80 20.29 4.56
N GLU A 388 -26.73 19.06 4.09
CA GLU A 388 -26.46 17.93 4.97
C GLU A 388 -24.98 17.73 5.25
N ASP A 389 -24.26 17.12 4.31
CA ASP A 389 -22.85 16.82 4.51
C ASP A 389 -21.99 18.05 4.27
N PHE A 390 -21.69 18.78 5.35
CA PHE A 390 -20.89 19.99 5.26
C PHE A 390 -19.46 19.69 4.86
N ALA A 391 -18.89 18.63 5.43
CA ALA A 391 -17.49 18.28 5.19
C ALA A 391 -17.13 18.35 3.71
N ASN A 392 -17.83 17.57 2.90
CA ASN A 392 -17.46 17.39 1.50
C ASN A 392 -18.10 18.45 0.61
N GLN A 393 -18.54 19.54 1.21
CA GLN A 393 -19.44 20.49 0.55
C GLN A 393 -18.90 20.95 -0.81
N GLU A 394 -17.60 21.27 -0.85
CA GLU A 394 -16.97 21.65 -2.10
C GLU A 394 -17.15 20.57 -3.15
N ALA A 395 -16.71 19.35 -2.82
CA ALA A 395 -16.77 18.23 -3.75
C ALA A 395 -18.18 18.07 -4.32
N ILE A 396 -19.17 18.16 -3.46
CA ILE A 396 -20.56 18.02 -3.88
C ILE A 396 -20.92 19.10 -4.90
N ALA A 397 -20.63 20.35 -4.57
CA ALA A 397 -20.85 21.46 -5.49
C ALA A 397 -20.33 21.07 -6.87
N LYS A 398 -19.09 20.61 -6.93
CA LYS A 398 -18.44 20.28 -8.19
C LYS A 398 -19.32 19.38 -9.03
N LEU A 399 -20.13 18.56 -8.36
CA LEU A 399 -20.96 17.58 -9.04
C LEU A 399 -22.23 18.19 -9.63
N LEU A 400 -22.71 19.26 -9.02
CA LEU A 400 -23.96 19.89 -9.46
C LEU A 400 -23.90 20.25 -10.95
N ARG A 401 -25.07 20.52 -11.53
CA ARG A 401 -25.18 20.81 -12.95
C ARG A 401 -26.44 21.63 -13.22
N PHE A 402 -26.26 22.91 -13.52
CA PHE A 402 -27.39 23.83 -13.63
C PHE A 402 -27.79 24.14 -15.07
N ALA A 403 -28.69 25.11 -15.21
CA ALA A 403 -29.03 25.67 -16.52
C ALA A 403 -28.84 27.19 -16.43
N SER A 404 -28.40 27.80 -17.53
CA SER A 404 -28.07 29.22 -17.51
C SER A 404 -28.24 29.92 -18.85
N THR A 405 -28.32 31.24 -18.81
CA THR A 405 -28.59 32.05 -19.99
C THR A 405 -27.62 31.75 -21.13
N HIS A 406 -26.55 31.03 -20.84
CA HIS A 406 -25.59 30.66 -21.87
C HIS A 406 -26.33 30.08 -23.08
N THR A 407 -27.31 29.22 -22.81
CA THR A 407 -28.17 28.72 -23.89
C THR A 407 -29.63 28.61 -23.43
N ASP A 408 -30.54 29.03 -24.30
CA ASP A 408 -31.95 29.18 -23.94
C ASP A 408 -32.69 27.86 -23.82
N SER A 409 -31.96 26.79 -23.53
CA SER A 409 -32.58 25.48 -23.32
C SER A 409 -32.78 25.25 -21.82
N SER A 410 -33.91 24.66 -21.47
CA SER A 410 -34.21 24.32 -20.08
C SER A 410 -33.26 23.23 -19.57
N ALA A 411 -32.52 22.62 -20.48
CA ALA A 411 -31.60 21.54 -20.12
C ALA A 411 -30.53 22.02 -19.13
N GLN A 412 -30.23 21.18 -18.15
CA GLN A 412 -29.35 21.56 -17.05
C GLN A 412 -27.94 21.01 -17.28
N THR A 413 -27.28 21.53 -18.31
CA THR A 413 -25.99 20.99 -18.73
C THR A 413 -24.80 21.63 -18.03
N VAL A 414 -24.89 22.93 -17.75
CA VAL A 414 -23.72 23.70 -17.35
C VAL A 414 -23.29 23.33 -15.94
N SER A 415 -22.02 23.56 -15.63
CA SER A 415 -21.47 23.29 -14.31
C SER A 415 -20.81 24.53 -13.72
N LEU A 416 -20.33 24.41 -12.49
CA LEU A 416 -19.78 25.56 -11.77
C LEU A 416 -18.42 25.96 -12.33
N GLU A 417 -17.71 25.00 -12.93
CA GLU A 417 -16.48 25.30 -13.64
C GLU A 417 -16.80 25.88 -15.02
N ASP A 418 -17.78 25.31 -15.69
CA ASP A 418 -18.25 25.83 -16.97
C ASP A 418 -18.64 27.30 -16.82
N TYR A 419 -18.99 27.69 -15.60
CA TYR A 419 -19.40 29.06 -15.33
C TYR A 419 -18.19 29.94 -15.07
N VAL A 420 -17.35 29.52 -14.13
CA VAL A 420 -16.15 30.27 -13.80
C VAL A 420 -15.29 30.43 -15.05
N SER A 421 -15.30 29.40 -15.89
CA SER A 421 -14.55 29.41 -17.13
C SER A 421 -15.07 30.47 -18.11
N ARG A 422 -16.22 31.05 -17.79
CA ARG A 422 -16.81 32.08 -18.63
C ARG A 422 -16.62 33.48 -18.05
N MET A 423 -16.29 33.55 -16.76
CA MET A 423 -16.42 34.78 -16.01
C MET A 423 -15.58 35.93 -16.58
N LYS A 424 -16.07 37.15 -16.41
CA LYS A 424 -15.35 38.35 -16.85
C LYS A 424 -14.69 39.06 -15.67
N GLU A 425 -13.79 39.99 -15.97
CA GLU A 425 -13.07 40.73 -14.94
C GLU A 425 -14.02 41.35 -13.94
N GLY A 426 -13.60 41.36 -12.67
CA GLY A 426 -14.38 42.01 -11.64
C GLY A 426 -15.62 41.23 -11.21
N GLN A 427 -15.98 40.21 -11.99
CA GLN A 427 -17.16 39.42 -11.66
C GLN A 427 -16.88 38.51 -10.47
N GLU A 428 -17.05 39.04 -9.28
CA GLU A 428 -16.55 38.39 -8.07
C GLU A 428 -17.60 37.45 -7.49
N LYS A 429 -18.81 37.51 -8.03
CA LYS A 429 -19.91 36.68 -7.56
C LYS A 429 -20.57 35.90 -8.69
N ILE A 430 -21.18 34.77 -8.33
CA ILE A 430 -21.95 33.97 -9.27
C ILE A 430 -23.43 34.36 -9.17
N TYR A 431 -24.02 34.74 -10.30
CA TYR A 431 -25.36 35.30 -10.29
C TYR A 431 -26.43 34.30 -10.70
N TYR A 432 -27.46 34.16 -9.86
CA TYR A 432 -28.52 33.19 -10.09
C TYR A 432 -29.89 33.81 -9.82
N ILE A 433 -30.93 33.10 -10.24
CA ILE A 433 -32.30 33.50 -9.94
C ILE A 433 -33.15 32.30 -9.54
N THR A 434 -34.02 32.50 -8.56
CA THR A 434 -34.82 31.42 -8.01
C THR A 434 -36.30 31.65 -8.31
N ALA A 435 -36.83 30.90 -9.27
CA ALA A 435 -38.21 31.05 -9.70
C ALA A 435 -39.02 29.82 -9.32
N ASP A 436 -40.16 29.63 -10.01
CA ASP A 436 -40.99 28.46 -9.80
C ASP A 436 -40.93 27.53 -11.00
N SER A 437 -40.50 28.07 -12.14
CA SER A 437 -40.35 27.29 -13.35
C SER A 437 -39.46 27.99 -14.37
N TYR A 438 -39.00 27.25 -15.36
CA TYR A 438 -38.01 27.74 -16.31
C TYR A 438 -38.46 29.03 -17.00
N ALA A 439 -39.53 28.93 -17.80
CA ALA A 439 -40.04 30.08 -18.53
C ALA A 439 -40.12 31.30 -17.62
N ALA A 440 -40.59 31.08 -16.39
CA ALA A 440 -40.65 32.14 -15.40
C ALA A 440 -39.29 32.81 -15.26
N ALA A 441 -38.32 32.08 -14.73
CA ALA A 441 -36.99 32.61 -14.48
C ALA A 441 -36.42 33.23 -15.75
N LYS A 442 -36.71 32.60 -16.89
CA LYS A 442 -36.16 33.03 -18.17
C LYS A 442 -36.80 34.34 -18.62
N SER A 443 -38.01 34.61 -18.14
CA SER A 443 -38.72 35.83 -18.50
C SER A 443 -38.37 36.99 -17.58
N SER A 444 -37.93 36.68 -16.37
CA SER A 444 -37.73 37.70 -15.34
C SER A 444 -36.94 38.89 -15.87
N PRO A 445 -37.33 40.11 -15.46
CA PRO A 445 -36.64 41.34 -15.85
C PRO A 445 -35.25 41.45 -15.22
N HIS A 446 -35.11 40.91 -14.01
CA HIS A 446 -33.84 40.90 -13.31
C HIS A 446 -32.69 40.46 -14.23
N LEU A 447 -32.99 39.57 -15.18
CA LEU A 447 -31.98 39.03 -16.07
C LEU A 447 -31.36 40.10 -16.96
N GLU A 448 -32.22 40.87 -17.64
CA GLU A 448 -31.79 41.66 -18.79
C GLU A 448 -30.67 42.65 -18.48
N LEU A 449 -30.53 43.02 -17.21
CA LEU A 449 -29.42 43.86 -16.79
C LEU A 449 -28.11 43.18 -17.17
N LEU A 450 -27.99 41.91 -16.79
CA LEU A 450 -26.75 41.16 -16.99
C LEU A 450 -26.67 40.58 -18.39
N ARG A 451 -27.83 40.24 -18.95
CA ARG A 451 -27.88 39.75 -20.33
C ARG A 451 -27.41 40.85 -21.29
N LYS A 452 -27.60 42.09 -20.88
CA LYS A 452 -27.16 43.23 -21.69
C LYS A 452 -25.70 43.53 -21.41
N LYS A 453 -25.32 43.55 -20.14
CA LYS A 453 -23.97 43.93 -19.75
C LYS A 453 -22.97 42.82 -20.07
N GLY A 454 -23.49 41.65 -20.43
CA GLY A 454 -22.63 40.59 -20.93
C GLY A 454 -22.17 39.62 -19.86
N ILE A 455 -23.13 39.06 -19.13
CA ILE A 455 -22.82 38.18 -18.02
C ILE A 455 -23.60 36.86 -18.14
N GLU A 456 -23.45 35.98 -17.16
CA GLU A 456 -24.13 34.69 -17.18
C GLU A 456 -25.00 34.53 -15.95
N VAL A 457 -26.19 33.96 -16.14
CA VAL A 457 -27.16 33.85 -15.06
C VAL A 457 -27.59 32.39 -14.87
N LEU A 458 -27.43 31.90 -13.64
CA LEU A 458 -27.92 30.56 -13.29
C LEU A 458 -29.43 30.57 -13.10
N LEU A 459 -30.11 29.73 -13.86
CA LEU A 459 -31.56 29.60 -13.74
C LEU A 459 -31.90 28.40 -12.85
N LEU A 460 -32.27 28.68 -11.61
CA LEU A 460 -32.66 27.61 -10.69
C LEU A 460 -34.18 27.46 -10.64
N SER A 461 -34.71 26.74 -11.61
CA SER A 461 -36.16 26.51 -11.70
C SER A 461 -36.56 25.16 -11.11
N ASP A 462 -36.00 24.84 -9.95
CA ASP A 462 -36.43 23.68 -9.18
C ASP A 462 -36.94 24.07 -7.80
N ARG A 463 -37.75 23.19 -7.21
CA ARG A 463 -38.37 23.45 -5.92
C ARG A 463 -37.34 23.72 -4.83
N ILE A 464 -36.39 22.80 -4.69
CA ILE A 464 -35.49 22.78 -3.54
C ILE A 464 -34.45 23.90 -3.59
N ASP A 465 -34.14 24.37 -4.79
CA ASP A 465 -33.04 25.31 -5.00
C ASP A 465 -32.99 26.44 -3.98
N GLU A 466 -34.14 27.06 -3.73
CA GLU A 466 -34.22 28.19 -2.82
C GLU A 466 -33.68 27.84 -1.44
N TRP A 467 -33.91 26.60 -1.02
CA TRP A 467 -33.41 26.13 0.26
C TRP A 467 -31.91 25.83 0.14
N MET A 468 -31.54 25.15 -0.94
CA MET A 468 -30.14 24.83 -1.19
C MET A 468 -29.23 26.04 -0.96
N MET A 469 -29.52 27.13 -1.64
CA MET A 469 -28.62 28.29 -1.65
C MET A 469 -28.33 28.81 -0.25
N ASN A 470 -29.25 28.58 0.69
CA ASN A 470 -29.04 29.00 2.06
C ASN A 470 -27.82 28.33 2.67
N TYR A 471 -27.29 27.34 1.96
CA TYR A 471 -26.10 26.63 2.42
C TYR A 471 -24.99 26.66 1.37
N LEU A 472 -25.37 26.77 0.11
CA LEU A 472 -24.41 26.85 -0.99
C LEU A 472 -23.88 28.28 -1.09
N THR A 473 -23.17 28.71 -0.05
CA THR A 473 -22.76 30.11 0.08
C THR A 473 -21.66 30.52 -0.90
N GLU A 474 -20.51 29.85 -0.83
CA GLU A 474 -19.36 30.23 -1.62
C GLU A 474 -18.70 29.05 -2.33
N PHE A 475 -18.33 29.24 -3.58
CA PHE A 475 -17.64 28.20 -4.33
C PHE A 475 -16.42 28.75 -5.07
N ASP A 476 -15.28 28.08 -4.89
CA ASP A 476 -14.05 28.47 -5.55
C ASP A 476 -13.71 29.92 -5.27
N GLY A 477 -13.90 30.34 -4.03
CA GLY A 477 -13.51 31.68 -3.62
C GLY A 477 -14.49 32.73 -4.09
N LYS A 478 -15.27 32.40 -5.11
CA LYS A 478 -16.30 33.31 -5.60
C LYS A 478 -17.65 32.98 -4.95
N PRO A 479 -18.23 33.95 -4.23
CA PRO A 479 -19.53 33.83 -3.57
C PRO A 479 -20.70 33.83 -4.55
N PHE A 480 -21.87 33.46 -4.04
CA PHE A 480 -23.10 33.51 -4.83
C PHE A 480 -23.98 34.68 -4.41
N GLN A 481 -24.62 35.32 -5.38
CA GLN A 481 -25.43 36.49 -5.12
C GLN A 481 -26.65 36.52 -6.05
N SER A 482 -27.84 36.55 -5.45
CA SER A 482 -29.07 36.41 -6.22
C SER A 482 -29.46 37.72 -6.88
N VAL A 483 -29.79 37.66 -8.16
CA VAL A 483 -30.26 38.82 -8.89
C VAL A 483 -31.52 39.41 -8.27
N SER A 484 -32.31 38.57 -7.61
CA SER A 484 -33.58 39.01 -7.02
C SER A 484 -33.33 39.96 -5.86
N LYS A 485 -32.05 40.24 -5.60
CA LYS A 485 -31.67 41.34 -4.72
C LYS A 485 -30.44 42.05 -5.26
N VAL A 486 -29.90 42.96 -4.46
CA VAL A 486 -28.65 43.63 -4.79
C VAL A 486 -27.87 44.00 -3.53
N ASP A 487 -26.57 44.19 -3.69
CA ASP A 487 -25.78 44.96 -2.73
C ASP A 487 -24.68 45.66 -3.52
N GLU A 488 -23.42 45.42 -3.14
CA GLU A 488 -22.30 45.94 -3.92
C GLU A 488 -21.99 45.12 -5.18
N SER A 489 -22.98 44.38 -5.64
CA SER A 489 -22.88 43.65 -6.90
C SER A 489 -23.20 44.57 -8.07
N LEU A 490 -24.39 45.16 -8.04
CA LEU A 490 -24.82 46.07 -9.10
C LEU A 490 -24.55 47.52 -8.69
N GLU A 491 -23.96 47.69 -7.51
CA GLU A 491 -23.59 49.00 -7.01
C GLU A 491 -22.70 49.72 -8.03
N LYS A 492 -21.90 48.94 -8.74
CA LYS A 492 -21.15 49.44 -9.89
C LYS A 492 -21.92 49.20 -11.17
N LEU A 493 -22.56 48.03 -11.25
CA LEU A 493 -23.28 47.62 -12.46
C LEU A 493 -24.78 47.69 -12.23
N ALA A 501 -27.25 60.40 -19.23
CA ALA A 501 -26.55 60.02 -18.01
C ALA A 501 -27.12 60.73 -16.79
N LYS A 502 -26.26 61.40 -16.04
CA LYS A 502 -26.66 62.05 -14.80
C LYS A 502 -27.51 63.29 -15.05
N GLU A 503 -27.55 63.74 -16.30
CA GLU A 503 -28.39 64.87 -16.67
C GLU A 503 -29.82 64.37 -16.89
N ALA A 504 -29.93 63.21 -17.53
CA ALA A 504 -31.20 62.51 -17.62
C ALA A 504 -31.68 62.19 -16.21
N GLU A 505 -30.73 62.02 -15.30
CA GLU A 505 -31.05 61.82 -13.89
C GLU A 505 -31.63 63.10 -13.29
N LYS A 506 -31.06 64.25 -13.67
CA LYS A 506 -31.55 65.53 -13.22
C LYS A 506 -33.04 65.69 -13.58
N ALA A 507 -33.31 65.70 -14.88
CA ALA A 507 -34.68 65.89 -15.37
C ALA A 507 -35.56 64.81 -14.76
N LEU A 508 -34.94 63.69 -14.39
CA LEU A 508 -35.64 62.61 -13.73
C LEU A 508 -36.06 63.02 -12.32
N THR A 509 -35.39 64.01 -11.76
CA THR A 509 -35.72 64.46 -10.42
C THR A 509 -36.94 65.38 -10.48
N PRO A 510 -37.06 66.20 -11.54
CA PRO A 510 -38.43 66.72 -11.59
C PRO A 510 -39.49 65.64 -11.81
N PHE A 511 -39.22 64.69 -12.70
CA PHE A 511 -40.19 63.64 -12.96
C PHE A 511 -40.51 62.86 -11.68
N ILE A 512 -39.47 62.52 -10.93
CA ILE A 512 -39.65 61.84 -9.65
C ILE A 512 -40.61 62.60 -8.74
N ASP A 513 -40.40 63.92 -8.61
CA ASP A 513 -41.28 64.70 -7.75
C ASP A 513 -42.73 64.60 -8.21
N ARG A 514 -42.93 64.63 -9.53
CA ARG A 514 -44.27 64.56 -10.10
C ARG A 514 -44.94 63.25 -9.70
N VAL A 515 -44.16 62.17 -9.69
CA VAL A 515 -44.68 60.86 -9.31
C VAL A 515 -44.98 60.78 -7.82
N LYS A 516 -44.05 61.27 -7.00
CA LYS A 516 -44.23 61.22 -5.54
C LYS A 516 -45.48 61.99 -5.14
N ALA A 517 -45.84 63.00 -5.92
CA ALA A 517 -47.07 63.74 -5.69
C ALA A 517 -48.27 62.95 -6.20
N LEU A 518 -48.07 62.21 -7.28
CA LEU A 518 -49.16 61.45 -7.89
C LEU A 518 -49.67 60.38 -6.92
N LEU A 519 -48.75 59.63 -6.33
CA LEU A 519 -49.13 58.53 -5.44
C LEU A 519 -49.10 58.95 -3.98
N GLY A 520 -47.93 59.37 -3.51
CA GLY A 520 -47.79 59.73 -2.12
C GLY A 520 -47.29 58.58 -1.25
N GLU A 521 -48.20 57.86 -0.64
CA GLU A 521 -47.83 56.85 0.36
C GLU A 521 -48.51 55.50 0.15
N ARG A 522 -48.68 55.10 -1.11
CA ARG A 522 -48.96 53.71 -1.44
C ARG A 522 -47.64 53.00 -1.72
N VAL A 523 -46.62 53.79 -2.02
CA VAL A 523 -45.27 53.28 -2.24
C VAL A 523 -44.31 53.98 -1.29
N LYS A 524 -43.39 53.22 -0.70
CA LYS A 524 -42.50 53.76 0.31
C LYS A 524 -41.53 54.79 -0.26
N ASP A 525 -41.35 54.77 -1.58
CA ASP A 525 -40.41 55.66 -2.24
C ASP A 525 -40.49 55.57 -3.75
N VAL A 526 -39.91 56.54 -4.44
CA VAL A 526 -39.76 56.48 -5.90
C VAL A 526 -38.30 56.70 -6.29
N ARG A 527 -37.81 55.85 -7.18
CA ARG A 527 -36.42 55.94 -7.63
C ARG A 527 -36.31 55.73 -9.14
N LEU A 528 -35.19 56.15 -9.71
CA LEU A 528 -34.89 55.87 -11.10
C LEU A 528 -33.60 55.06 -11.20
N THR A 529 -33.73 53.77 -11.47
CA THR A 529 -32.57 52.91 -11.62
C THR A 529 -32.33 52.54 -13.08
N HIS A 530 -31.11 52.12 -13.38
CA HIS A 530 -30.76 51.73 -14.74
C HIS A 530 -30.62 50.23 -14.93
N ARG A 531 -31.54 49.47 -14.33
CA ARG A 531 -31.75 48.10 -14.75
C ARG A 531 -32.26 48.17 -16.18
N LEU A 532 -31.32 48.29 -17.13
CA LEU A 532 -31.65 48.71 -18.49
C LEU A 532 -32.80 47.93 -19.10
N THR A 533 -32.60 46.63 -19.33
CA THR A 533 -33.66 45.72 -19.76
C THR A 533 -34.55 46.32 -20.84
N ASP A 534 -35.72 45.72 -21.02
CA ASP A 534 -36.75 46.29 -21.89
C ASP A 534 -38.04 46.44 -21.10
N THR A 535 -37.95 46.20 -19.80
CA THR A 535 -39.06 46.44 -18.87
C THR A 535 -38.94 47.82 -18.23
N PRO A 536 -40.06 48.57 -18.19
CA PRO A 536 -40.06 49.98 -17.74
C PRO A 536 -39.78 50.18 -16.25
N ALA A 537 -40.53 49.48 -15.41
CA ALA A 537 -40.47 49.71 -13.97
C ALA A 537 -40.57 48.44 -13.13
N ILE A 538 -40.24 48.56 -11.85
CA ILE A 538 -40.00 47.39 -11.00
C ILE A 538 -39.97 47.80 -9.52
N VAL A 539 -40.64 47.02 -8.68
CA VAL A 539 -40.65 47.29 -7.25
C VAL A 539 -39.51 46.50 -6.59
N SER A 540 -38.94 47.06 -5.53
CA SER A 540 -37.91 46.36 -4.76
C SER A 540 -38.19 46.44 -3.25
N THR A 541 -37.32 45.80 -2.47
CA THR A 541 -37.53 45.69 -1.04
C THR A 541 -36.19 45.57 -0.31
N ASP A 542 -36.21 45.67 1.01
CA ASP A 542 -34.99 45.60 1.82
C ASP A 542 -34.76 44.20 2.39
N ALA A 543 -33.63 44.05 3.10
CA ALA A 543 -33.26 42.78 3.68
C ALA A 543 -34.12 42.46 4.89
N LYS A 565 -44.92 47.67 2.34
CA LYS A 565 -45.04 48.06 0.94
C LYS A 565 -43.67 48.20 0.27
N TYR A 566 -43.68 48.51 -1.02
CA TYR A 566 -42.50 48.36 -1.86
C TYR A 566 -41.83 49.69 -2.23
N ILE A 567 -40.81 49.60 -3.06
CA ILE A 567 -40.12 50.78 -3.57
C ILE A 567 -40.21 50.83 -5.09
N PHE A 568 -40.78 51.91 -5.62
CA PHE A 568 -41.02 52.00 -7.05
C PHE A 568 -39.79 52.49 -7.80
N GLU A 569 -39.46 51.81 -8.89
CA GLU A 569 -38.25 52.10 -9.64
C GLU A 569 -38.55 52.18 -11.14
N LEU A 570 -37.89 53.10 -11.83
CA LEU A 570 -38.20 53.35 -13.23
C LEU A 570 -36.94 53.39 -14.11
N ASN A 571 -37.12 53.12 -15.39
CA ASN A 571 -36.01 53.02 -16.34
C ASN A 571 -36.05 54.16 -17.36
N PRO A 572 -35.20 55.18 -17.17
CA PRO A 572 -35.21 56.42 -17.95
C PRO A 572 -35.09 56.19 -19.46
N ASP A 573 -34.65 54.99 -19.83
CA ASP A 573 -34.27 54.72 -21.21
C ASP A 573 -35.36 54.02 -22.00
N HIS A 574 -36.49 53.74 -21.36
CA HIS A 574 -37.55 53.00 -22.03
C HIS A 574 -38.57 53.88 -22.74
N VAL A 575 -39.03 53.41 -23.89
CA VAL A 575 -39.98 54.15 -24.72
C VAL A 575 -41.23 54.57 -23.95
N LEU A 576 -41.80 53.65 -23.19
CA LEU A 576 -43.01 53.94 -22.43
C LEU A 576 -42.73 55.01 -21.38
N VAL A 577 -41.48 55.06 -20.92
CA VAL A 577 -41.07 56.06 -19.94
C VAL A 577 -40.98 57.44 -20.58
N LYS A 578 -40.55 57.48 -21.84
CA LYS A 578 -40.47 58.74 -22.58
C LYS A 578 -41.86 59.19 -23.04
N ARG A 579 -42.68 58.24 -23.45
CA ARG A 579 -44.03 58.54 -23.92
C ARG A 579 -44.93 58.88 -22.73
N ALA A 580 -44.42 58.64 -21.53
CA ALA A 580 -45.12 59.02 -20.31
C ALA A 580 -44.51 60.29 -19.73
N ALA A 581 -43.34 60.67 -20.26
CA ALA A 581 -42.70 61.92 -19.87
C ALA A 581 -43.17 63.06 -20.77
N ASP A 582 -43.76 62.71 -21.91
CA ASP A 582 -44.31 63.69 -22.83
C ASP A 582 -45.72 64.10 -22.40
N THR A 583 -46.20 63.50 -21.32
CA THR A 583 -47.58 63.66 -20.89
C THR A 583 -47.80 64.91 -20.05
N GLU A 584 -48.72 65.76 -20.48
CA GLU A 584 -49.15 66.90 -19.69
C GLU A 584 -50.58 66.68 -19.21
N ASP A 585 -51.39 66.05 -20.05
CA ASP A 585 -52.76 65.72 -19.70
C ASP A 585 -52.78 64.89 -18.42
N GLU A 586 -53.46 65.39 -17.40
CA GLU A 586 -53.44 64.75 -16.09
C GLU A 586 -54.16 63.41 -16.09
N ALA A 587 -55.12 63.26 -17.00
CA ALA A 587 -55.88 62.03 -17.11
C ALA A 587 -54.97 60.86 -17.50
N LYS A 588 -54.26 61.02 -18.61
CA LYS A 588 -53.34 59.98 -19.07
C LYS A 588 -52.11 59.92 -18.18
N PHE A 589 -51.66 61.08 -17.71
CA PHE A 589 -50.57 61.16 -16.76
C PHE A 589 -50.76 60.12 -15.65
N SER A 590 -51.84 60.28 -14.89
CA SER A 590 -52.15 59.36 -13.81
C SER A 590 -52.42 57.96 -14.35
N GLU A 591 -52.99 57.89 -15.54
CA GLU A 591 -53.40 56.62 -16.12
C GLU A 591 -52.16 55.79 -16.45
N TRP A 592 -51.17 56.43 -17.09
CA TRP A 592 -49.91 55.79 -17.39
C TRP A 592 -49.23 55.32 -16.11
N VAL A 593 -49.00 56.27 -15.19
CA VAL A 593 -48.27 55.95 -13.98
C VAL A 593 -48.94 54.83 -13.17
N GLU A 594 -50.25 54.91 -13.05
CA GLU A 594 -51.01 53.86 -12.36
C GLU A 594 -50.77 52.52 -13.04
N LEU A 595 -50.79 52.51 -14.37
CA LEU A 595 -50.51 51.31 -15.13
C LEU A 595 -49.14 50.75 -14.76
N LEU A 596 -48.13 51.61 -14.73
CA LEU A 596 -46.77 51.18 -14.48
C LEU A 596 -46.63 50.52 -13.11
N LEU A 597 -47.16 51.18 -12.08
CA LEU A 597 -47.15 50.63 -10.73
C LEU A 597 -47.83 49.27 -10.70
N ASP A 598 -49.09 49.23 -11.17
CA ASP A 598 -49.85 47.99 -11.19
C ASP A 598 -49.08 46.90 -11.93
N GLN A 599 -48.34 47.30 -12.96
CA GLN A 599 -47.54 46.37 -13.73
C GLN A 599 -46.46 45.74 -12.85
N ALA A 600 -45.58 46.57 -12.32
CA ALA A 600 -44.45 46.10 -11.54
C ALA A 600 -44.93 45.22 -10.38
N LEU A 601 -46.13 45.51 -9.90
CA LEU A 601 -46.79 44.64 -8.92
C LEU A 601 -47.02 43.25 -9.51
N LEU A 602 -47.69 43.21 -10.66
CA LEU A 602 -48.01 41.96 -11.31
C LEU A 602 -46.72 41.19 -11.59
N ALA A 603 -45.61 41.94 -11.71
CA ALA A 603 -44.33 41.34 -12.04
C ALA A 603 -43.66 40.74 -10.82
N GLU A 604 -43.99 41.29 -9.65
CA GLU A 604 -43.31 40.89 -8.41
C GLU A 604 -44.22 40.07 -7.50
N ARG A 605 -45.48 39.93 -7.88
CA ARG A 605 -46.43 39.16 -7.08
C ARG A 605 -47.35 38.28 -7.92
N GLY A 606 -47.40 38.53 -9.22
CA GLY A 606 -48.26 37.75 -10.10
C GLY A 606 -49.72 37.79 -9.70
N THR A 607 -50.12 38.83 -8.98
CA THR A 607 -51.52 39.04 -8.66
C THR A 607 -51.80 40.53 -8.52
N LEU A 608 -53.04 40.92 -8.81
CA LEU A 608 -53.45 42.32 -8.69
C LEU A 608 -54.77 42.46 -7.93
N GLU A 609 -54.89 43.54 -7.17
CA GLU A 609 -56.16 43.87 -6.52
C GLU A 609 -57.30 43.85 -7.53
N ASP A 610 -57.24 44.76 -8.49
CA ASP A 610 -58.28 44.88 -9.51
C ASP A 610 -57.71 44.57 -10.89
N PRO A 611 -57.58 43.28 -11.23
CA PRO A 611 -56.98 42.83 -12.48
C PRO A 611 -57.69 43.39 -13.70
N ASN A 612 -59.02 43.24 -13.73
CA ASN A 612 -59.82 43.69 -14.87
C ASN A 612 -59.54 45.16 -15.17
N LEU A 613 -59.10 45.88 -14.14
CA LEU A 613 -58.77 47.29 -14.31
C LEU A 613 -57.51 47.43 -15.14
N PHE A 614 -56.45 46.77 -14.70
CA PHE A 614 -55.19 46.74 -15.44
C PHE A 614 -55.45 46.35 -16.90
N ILE A 615 -56.24 45.31 -17.09
CA ILE A 615 -56.59 44.85 -18.43
C ILE A 615 -57.26 45.95 -19.23
N ARG A 616 -58.22 46.63 -18.62
CA ARG A 616 -58.95 47.71 -19.29
C ARG A 616 -57.99 48.81 -19.73
N ARG A 617 -57.08 49.19 -18.83
CA ARG A 617 -56.17 50.29 -19.09
C ARG A 617 -55.27 49.97 -20.28
N MET A 618 -54.58 48.83 -20.21
CA MET A 618 -53.71 48.39 -21.28
C MET A 618 -54.43 48.36 -22.62
N ASN A 619 -55.58 47.68 -22.64
CA ASN A 619 -56.35 47.53 -23.87
C ASN A 619 -56.75 48.88 -24.45
N GLN A 620 -56.91 49.87 -23.57
CA GLN A 620 -57.26 51.21 -24.01
C GLN A 620 -56.07 51.81 -24.77
N LEU A 621 -54.95 51.93 -24.07
CA LEU A 621 -53.75 52.53 -24.66
C LEU A 621 -53.34 51.84 -25.95
N LEU A 622 -53.76 50.59 -26.12
CA LEU A 622 -53.50 49.87 -27.36
C LEU A 622 -54.31 50.44 -28.53
N VAL A 623 -55.63 50.41 -28.39
CA VAL A 623 -56.52 50.81 -29.48
C VAL A 623 -56.39 52.29 -29.81
N SER A 624 -56.17 53.10 -28.80
CA SER A 624 -55.99 54.53 -28.99
C SER A 624 -54.66 54.84 -29.66
N GLY B 8 19.53 -18.42 19.97
CA GLY B 8 19.35 -18.39 18.49
C GLY B 8 19.99 -17.18 17.85
N PHE B 9 19.95 -17.13 16.52
CA PHE B 9 20.58 -16.03 15.77
C PHE B 9 19.74 -14.76 15.91
N GLN B 10 20.34 -13.72 16.48
CA GLN B 10 19.58 -12.58 16.99
C GLN B 10 19.35 -11.49 15.95
N SER B 11 18.77 -11.86 14.81
CA SER B 11 18.67 -10.98 13.67
C SER B 11 18.14 -9.59 14.05
N GLU B 12 16.86 -9.50 14.33
CA GLU B 12 16.21 -8.21 14.55
C GLU B 12 16.62 -7.62 15.90
N VAL B 13 17.31 -8.41 16.70
CA VAL B 13 17.82 -7.93 17.98
C VAL B 13 18.99 -6.97 17.75
N LYS B 14 20.02 -7.47 17.10
CA LYS B 14 21.15 -6.62 16.73
C LYS B 14 20.72 -5.47 15.83
N GLN B 15 19.95 -5.79 14.79
CA GLN B 15 19.52 -4.76 13.85
C GLN B 15 18.78 -3.62 14.56
N LEU B 16 17.72 -3.96 15.28
CA LEU B 16 16.91 -2.94 15.93
C LEU B 16 17.73 -2.11 16.91
N LEU B 17 18.48 -2.77 17.78
CA LEU B 17 19.33 -2.05 18.72
C LEU B 17 20.15 -1.02 17.94
N HIS B 18 20.77 -1.49 16.86
CA HIS B 18 21.67 -0.66 16.05
C HIS B 18 20.90 0.56 15.52
N LEU B 19 19.58 0.42 15.45
CA LEU B 19 18.76 1.42 14.75
C LEU B 19 18.18 2.47 15.67
N MET B 20 17.30 2.07 16.59
CA MET B 20 16.56 3.05 17.39
C MET B 20 17.49 3.93 18.20
N ILE B 21 18.50 3.32 18.81
CA ILE B 21 19.57 4.06 19.45
C ILE B 21 19.98 5.24 18.56
N HIS B 22 20.19 4.94 17.28
CA HIS B 22 20.60 5.96 16.33
C HIS B 22 19.46 6.36 15.39
N SER B 23 18.29 6.63 15.95
CA SER B 23 17.20 7.29 15.24
C SER B 23 16.60 8.28 16.23
N LEU B 24 16.94 8.09 17.50
CA LEU B 24 16.95 9.18 18.45
C LEU B 24 18.13 10.04 17.98
N TYR B 25 19.31 9.60 18.43
CA TYR B 25 20.58 10.15 18.00
C TYR B 25 20.55 11.65 18.20
N SER B 26 19.55 12.11 18.95
CA SER B 26 19.30 13.54 19.12
C SER B 26 19.14 14.31 17.82
N ASN B 27 19.30 13.61 16.70
CA ASN B 27 19.49 14.25 15.41
C ASN B 27 18.25 13.86 14.60
N LYS B 28 17.15 13.57 15.30
CA LYS B 28 15.82 14.06 14.86
C LYS B 28 15.62 14.30 13.36
N GLU B 29 16.35 15.26 12.79
CA GLU B 29 16.18 15.66 11.39
C GLU B 29 16.54 14.52 10.43
N ILE B 30 17.17 13.48 10.98
CA ILE B 30 17.73 12.38 10.19
C ILE B 30 16.72 11.78 9.20
N PHE B 31 15.46 11.72 9.62
CA PHE B 31 14.41 11.17 8.78
C PHE B 31 14.51 11.71 7.36
N LEU B 32 14.73 13.02 7.24
CA LEU B 32 14.61 13.67 5.94
C LEU B 32 15.63 13.07 4.99
N ARG B 33 16.89 13.09 5.40
CA ARG B 33 17.96 12.37 4.70
C ARG B 33 17.45 11.01 4.27
N GLU B 34 17.18 10.14 5.25
CA GLU B 34 16.88 8.75 4.94
C GLU B 34 15.75 8.62 3.92
N LEU B 35 14.79 9.53 3.97
CA LEU B 35 13.70 9.54 3.01
C LEU B 35 14.21 9.88 1.62
N ILE B 36 15.00 10.95 1.51
CA ILE B 36 15.56 11.35 0.23
C ILE B 36 16.34 10.19 -0.38
N SER B 37 17.09 9.48 0.47
CA SER B 37 17.74 8.24 0.06
C SER B 37 16.71 7.36 -0.66
N ASN B 38 15.62 7.04 0.04
CA ASN B 38 14.54 6.26 -0.55
C ASN B 38 14.09 6.85 -1.89
N ALA B 39 13.94 8.17 -1.93
CA ALA B 39 13.50 8.85 -3.14
C ALA B 39 14.43 8.48 -4.30
N SER B 40 15.73 8.62 -4.08
CA SER B 40 16.72 8.26 -5.08
C SER B 40 16.53 6.82 -5.56
N ASP B 41 16.81 5.87 -4.68
CA ASP B 41 16.71 4.46 -5.03
C ASP B 41 15.42 4.19 -5.80
N ALA B 42 14.35 4.90 -5.44
CA ALA B 42 13.08 4.77 -6.13
C ALA B 42 13.26 5.15 -7.60
N ALA B 43 13.76 6.36 -7.83
CA ALA B 43 14.07 6.81 -9.18
C ALA B 43 14.82 5.73 -9.95
N ASP B 44 15.93 5.27 -9.38
CA ASP B 44 16.77 4.27 -10.02
C ASP B 44 15.96 3.08 -10.51
N LYS B 45 15.45 2.30 -9.55
CA LYS B 45 14.66 1.12 -9.89
C LYS B 45 13.66 1.43 -10.99
N LEU B 46 13.10 2.64 -10.96
CA LEU B 46 12.22 3.09 -12.03
C LEU B 46 12.97 3.21 -13.35
N ARG B 47 13.99 4.06 -13.38
CA ARG B 47 14.75 4.30 -14.59
C ARG B 47 15.29 3.01 -15.19
N PHE B 48 15.66 2.07 -14.32
CA PHE B 48 16.09 0.75 -14.78
C PHE B 48 14.94 0.06 -15.49
N ARG B 49 13.83 -0.15 -14.78
CA ARG B 49 12.69 -0.86 -15.34
C ARG B 49 12.22 -0.20 -16.63
N ALA B 50 12.62 1.05 -16.84
CA ALA B 50 12.19 1.82 -18.00
C ALA B 50 12.56 1.12 -19.30
N LEU B 51 13.80 0.65 -19.40
CA LEU B 51 14.35 0.19 -20.67
C LEU B 51 13.53 -0.95 -21.25
N SER B 52 13.09 -1.87 -20.40
CA SER B 52 12.37 -3.06 -20.85
C SER B 52 10.90 -2.73 -21.12
N ASN B 53 10.53 -1.47 -20.95
CA ASN B 53 9.18 -1.01 -21.27
C ASN B 53 9.16 0.52 -21.30
N PRO B 54 9.69 1.11 -22.38
CA PRO B 54 9.97 2.55 -22.49
C PRO B 54 8.77 3.45 -22.25
N ASP B 55 7.61 2.84 -22.03
CA ASP B 55 6.37 3.59 -21.88
C ASP B 55 6.16 4.04 -20.44
N LEU B 56 6.72 3.30 -19.50
CA LEU B 56 6.42 3.51 -18.09
C LEU B 56 6.65 4.95 -17.62
N TYR B 57 7.40 5.71 -18.40
CA TYR B 57 7.67 7.11 -18.07
C TYR B 57 6.40 7.96 -18.18
N GLU B 58 5.44 7.47 -18.97
CA GLU B 58 4.16 8.15 -19.14
C GLU B 58 4.36 9.61 -19.54
N GLY B 59 5.32 9.84 -20.43
CA GLY B 59 5.57 11.19 -20.91
C GLY B 59 6.40 11.99 -19.93
N ASP B 60 6.06 11.85 -18.65
CA ASP B 60 6.79 12.56 -17.60
C ASP B 60 8.19 11.97 -17.47
N GLY B 61 9.17 12.65 -18.05
CA GLY B 61 10.52 12.13 -18.07
C GLY B 61 11.46 12.94 -17.20
N GLU B 62 11.07 14.17 -16.89
CA GLU B 62 11.79 14.98 -15.91
C GLU B 62 11.51 14.44 -14.51
N LEU B 63 12.24 13.40 -14.14
CA LEU B 63 12.03 12.74 -12.86
C LEU B 63 12.74 13.49 -11.75
N ARG B 64 12.13 13.50 -10.56
CA ARG B 64 12.62 14.35 -9.48
C ARG B 64 11.96 14.00 -8.15
N VAL B 65 12.12 14.89 -7.18
CA VAL B 65 11.44 14.77 -5.89
C VAL B 65 11.18 16.15 -5.30
N ARG B 66 9.92 16.43 -4.99
CA ARG B 66 9.51 17.75 -4.52
C ARG B 66 9.13 17.73 -3.05
N VAL B 67 9.80 18.55 -2.26
CA VAL B 67 9.45 18.73 -0.85
C VAL B 67 8.53 19.94 -0.66
N SER B 68 7.52 19.77 0.18
CA SER B 68 6.58 20.83 0.50
C SER B 68 6.24 20.78 1.98
N PHE B 69 5.40 21.71 2.43
CA PHE B 69 5.00 21.75 3.82
C PHE B 69 3.86 22.73 4.06
N ASP B 70 3.00 22.41 5.03
CA ASP B 70 1.82 23.23 5.31
C ASP B 70 1.89 23.75 6.75
N LYS B 71 1.79 25.06 6.90
CA LYS B 71 2.01 25.69 8.20
C LYS B 71 0.85 25.44 9.17
N ASP B 72 -0.36 25.41 8.62
CA ASP B 72 -1.57 25.40 9.43
C ASP B 72 -1.97 23.99 9.84
N LYS B 73 -1.97 23.07 8.88
CA LYS B 73 -2.21 21.66 9.15
C LYS B 73 -0.95 21.04 9.75
N ARG B 74 0.17 21.76 9.64
CA ARG B 74 1.40 21.39 10.31
C ARG B 74 1.96 20.06 9.80
N THR B 75 2.24 20.01 8.50
CA THR B 75 2.66 18.77 7.87
C THR B 75 3.85 19.03 6.95
N LEU B 76 4.82 18.10 6.96
CA LEU B 76 5.86 18.10 5.95
C LEU B 76 5.57 16.98 4.97
N THR B 77 6.02 17.15 3.73
CA THR B 77 5.38 16.46 2.61
C THR B 77 6.38 16.16 1.49
N ILE B 78 6.96 14.97 1.52
CA ILE B 78 7.94 14.56 0.51
C ILE B 78 7.27 13.73 -0.57
N SER B 79 7.29 14.22 -1.80
CA SER B 79 6.58 13.57 -2.89
C SER B 79 7.46 13.34 -4.11
N ASP B 80 7.85 12.09 -4.33
CA ASP B 80 8.71 11.74 -5.45
C ASP B 80 7.87 11.14 -6.57
N ASN B 81 8.40 11.16 -7.79
CA ASN B 81 7.76 10.49 -8.92
C ASN B 81 8.63 9.37 -9.44
N GLY B 82 9.01 8.46 -8.55
CA GLY B 82 9.75 7.28 -8.95
C GLY B 82 8.84 6.17 -9.45
N VAL B 83 8.91 5.01 -8.81
CA VAL B 83 8.26 3.81 -9.32
C VAL B 83 7.03 3.44 -8.49
N GLY B 84 6.85 4.12 -7.37
CA GLY B 84 5.67 3.89 -6.55
C GLY B 84 5.65 2.49 -5.97
N MET B 85 4.46 2.01 -5.64
CA MET B 85 4.30 0.68 -5.05
C MET B 85 2.97 0.05 -5.47
N THR B 86 3.01 -1.25 -5.76
CA THR B 86 1.79 -2.02 -5.87
C THR B 86 1.20 -2.18 -4.47
N ARG B 87 -0.11 -2.41 -4.39
CA ARG B 87 -0.74 -2.65 -3.10
C ARG B 87 0.07 -3.67 -2.33
N ASP B 88 0.25 -4.85 -2.92
CA ASP B 88 0.91 -5.96 -2.24
C ASP B 88 2.26 -5.52 -1.67
N GLU B 89 2.97 -4.69 -2.44
CA GLU B 89 4.24 -4.15 -1.98
C GLU B 89 4.04 -3.28 -0.74
N VAL B 90 3.00 -2.47 -0.75
CA VAL B 90 2.69 -1.61 0.38
C VAL B 90 2.33 -2.46 1.60
N ILE B 91 1.66 -3.58 1.34
CA ILE B 91 1.28 -4.51 2.40
C ILE B 91 2.47 -5.35 2.86
N ASP B 92 3.32 -5.74 1.92
CA ASP B 92 4.45 -6.61 2.21
C ASP B 92 5.57 -5.84 2.89
N HIS B 93 5.65 -4.54 2.64
CA HIS B 93 6.70 -3.72 3.20
C HIS B 93 6.21 -2.92 4.40
N LEU B 94 5.39 -1.91 4.15
CA LEU B 94 4.93 -1.02 5.22
C LEU B 94 4.22 -1.77 6.33
N GLY B 95 3.71 -2.96 6.02
CA GLY B 95 3.05 -3.72 7.05
C GLY B 95 4.06 -4.55 7.82
N THR B 96 4.99 -5.14 7.08
CA THR B 96 6.14 -5.84 7.66
C THR B 96 7.02 -4.91 8.49
N ILE B 97 7.17 -3.67 8.02
CA ILE B 97 8.03 -2.71 8.70
C ILE B 97 7.34 -2.14 9.93
N ALA B 98 6.06 -1.79 9.78
CA ALA B 98 5.32 -1.12 10.84
C ALA B 98 4.89 -2.10 11.93
N LYS B 99 5.03 -3.39 11.65
CA LYS B 99 5.08 -4.37 12.72
C LYS B 99 6.42 -4.20 13.41
N SER B 100 6.43 -4.31 14.74
CA SER B 100 7.54 -3.84 15.55
C SER B 100 8.84 -4.62 15.36
N GLY B 101 9.21 -5.42 16.35
CA GLY B 101 10.45 -6.15 16.25
C GLY B 101 10.50 -7.54 16.87
N THR B 102 9.54 -7.85 17.75
CA THR B 102 9.47 -9.19 18.32
C THR B 102 8.89 -10.15 17.29
N LYS B 103 8.07 -9.60 16.39
CA LYS B 103 7.50 -10.37 15.30
C LYS B 103 8.55 -10.63 14.24
N SER B 104 9.08 -9.55 13.67
CA SER B 104 10.02 -9.67 12.56
C SER B 104 11.40 -10.09 13.04
N PHE B 105 11.51 -10.43 14.32
CA PHE B 105 12.58 -11.31 14.77
C PHE B 105 12.08 -12.74 14.95
N LEU B 106 11.45 -13.01 16.10
CA LEU B 106 11.23 -14.39 16.51
C LEU B 106 10.03 -15.05 15.84
N GLU B 107 9.73 -14.63 14.62
CA GLU B 107 8.96 -15.47 13.70
C GLU B 107 9.87 -16.49 13.04
N SER B 108 11.15 -16.18 12.98
CA SER B 108 12.13 -17.02 12.29
C SER B 108 11.81 -17.18 10.80
N LEU B 109 10.69 -16.63 10.38
CA LEU B 109 10.33 -16.65 8.97
C LEU B 109 9.04 -15.88 8.67
N GLY B 110 7.91 -16.56 8.84
CA GLY B 110 6.67 -16.10 8.23
C GLY B 110 6.49 -16.78 6.91
N SER B 111 6.64 -16.02 5.82
CA SER B 111 6.75 -16.60 4.49
C SER B 111 8.20 -16.56 4.02
N ASP B 112 8.98 -15.63 4.56
CA ASP B 112 10.41 -15.57 4.28
C ASP B 112 11.10 -14.63 5.27
N GLN B 113 12.42 -14.60 5.23
CA GLN B 113 13.20 -13.90 6.26
C GLN B 113 14.02 -12.76 5.66
N ALA B 114 15.01 -13.11 4.85
CA ALA B 114 16.03 -12.16 4.43
C ALA B 114 15.42 -11.06 3.56
N LYS B 115 14.26 -11.35 2.97
CA LYS B 115 13.53 -10.35 2.20
C LYS B 115 13.05 -9.24 3.13
N ASP B 116 12.54 -9.63 4.29
CA ASP B 116 12.03 -8.67 5.26
C ASP B 116 13.20 -7.89 5.87
N SER B 117 14.28 -8.60 6.14
CA SER B 117 15.50 -7.98 6.63
C SER B 117 16.03 -6.94 5.64
N GLN B 118 15.97 -7.28 4.36
CA GLN B 118 16.49 -6.38 3.32
C GLN B 118 15.59 -5.17 3.14
N LEU B 119 14.29 -5.33 3.44
CA LEU B 119 13.36 -4.22 3.37
C LEU B 119 13.69 -3.21 4.47
N ILE B 120 13.86 -3.74 5.68
CA ILE B 120 14.34 -2.97 6.82
C ILE B 120 15.70 -2.35 6.50
N GLY B 121 16.36 -2.89 5.48
CA GLY B 121 17.66 -2.38 5.09
C GLY B 121 17.67 -0.89 4.91
N GLN B 122 17.21 -0.42 3.76
CA GLN B 122 17.15 1.00 3.48
C GLN B 122 15.98 1.65 4.22
N PHE B 123 14.86 0.95 4.28
CA PHE B 123 13.58 1.59 4.59
C PHE B 123 13.30 1.75 6.08
N GLY B 124 13.74 0.80 6.89
CA GLY B 124 13.43 0.83 8.31
C GLY B 124 13.81 2.15 8.96
N VAL B 125 15.07 2.55 8.77
CA VAL B 125 15.57 3.79 9.36
C VAL B 125 14.58 4.91 9.13
N GLY B 126 14.30 5.21 7.87
CA GLY B 126 13.34 6.24 7.55
C GLY B 126 12.07 6.11 8.37
N PHE B 127 11.40 4.98 8.26
CA PHE B 127 10.16 4.74 8.99
C PHE B 127 10.26 5.24 10.42
N TYR B 128 10.98 4.49 11.26
CA TYR B 128 11.01 4.76 12.69
C TYR B 128 11.42 6.22 12.95
N SER B 129 12.45 6.66 12.25
CA SER B 129 12.92 8.04 12.38
C SER B 129 11.78 9.01 12.13
N ALA B 130 11.06 8.80 11.03
CA ALA B 130 9.94 9.66 10.67
C ALA B 130 8.95 9.77 11.83
N PHE B 131 8.70 8.65 12.50
CA PHE B 131 7.75 8.64 13.60
C PHE B 131 8.33 9.26 14.87
N ILE B 132 9.61 9.58 14.85
CA ILE B 132 10.18 10.43 15.88
C ILE B 132 9.64 11.86 15.80
N VAL B 133 9.54 12.38 14.58
CA VAL B 133 9.12 13.77 14.38
C VAL B 133 7.61 13.89 14.21
N ALA B 134 6.97 12.83 13.74
CA ALA B 134 5.55 12.88 13.41
C ALA B 134 4.77 11.85 14.22
N ASP B 135 3.45 12.03 14.28
CA ASP B 135 2.62 11.20 15.14
C ASP B 135 1.57 10.46 14.32
N LYS B 136 1.31 10.96 13.12
CA LYS B 136 0.64 10.20 12.07
C LYS B 136 1.41 10.33 10.78
N VAL B 137 1.72 9.21 10.15
CA VAL B 137 2.37 9.23 8.85
C VAL B 137 1.47 8.64 7.77
N THR B 138 1.50 9.26 6.59
CA THR B 138 0.58 8.90 5.51
C THR B 138 1.32 8.71 4.19
N VAL B 139 1.27 7.50 3.66
CA VAL B 139 1.84 7.22 2.35
C VAL B 139 0.71 7.24 1.32
N ARG B 140 1.07 7.44 0.05
CA ARG B 140 0.08 7.57 -1.01
C ARG B 140 0.72 7.31 -2.36
N THR B 141 0.81 6.03 -2.73
CA THR B 141 1.60 5.60 -3.88
C THR B 141 0.77 5.33 -5.12
N ARG B 142 1.46 5.11 -6.24
CA ARG B 142 0.85 4.56 -7.44
C ARG B 142 1.95 4.03 -8.35
N ALA B 143 2.19 2.72 -8.27
CA ALA B 143 3.34 2.10 -8.91
C ALA B 143 3.36 2.34 -10.42
N ALA B 144 4.55 2.63 -10.95
CA ALA B 144 4.72 2.98 -12.35
C ALA B 144 4.06 1.96 -13.27
N GLY B 145 3.24 2.45 -14.19
CA GLY B 145 2.60 1.57 -15.16
C GLY B 145 1.17 1.22 -14.79
N GLU B 146 0.92 1.06 -13.50
CA GLU B 146 -0.39 0.59 -13.05
C GLU B 146 -1.47 1.63 -13.33
N LYS B 147 -2.70 1.17 -13.47
CA LYS B 147 -3.83 2.06 -13.73
C LYS B 147 -4.10 2.92 -12.50
N PRO B 148 -4.41 4.21 -12.71
CA PRO B 148 -4.48 5.21 -11.64
C PRO B 148 -5.53 4.88 -10.59
N GLU B 149 -6.40 3.92 -10.89
CA GLU B 149 -7.39 3.45 -9.93
C GLU B 149 -6.78 2.44 -8.97
N ASN B 150 -5.67 1.83 -9.40
CA ASN B 150 -4.98 0.82 -8.59
C ASN B 150 -3.90 1.45 -7.71
N GLY B 151 -3.94 2.78 -7.59
CA GLY B 151 -3.09 3.45 -6.62
C GLY B 151 -3.33 2.90 -5.23
N VAL B 152 -2.58 3.39 -4.25
CA VAL B 152 -2.69 2.88 -2.89
C VAL B 152 -2.58 3.98 -1.84
N PHE B 153 -3.08 3.69 -0.64
CA PHE B 153 -3.04 4.62 0.48
C PHE B 153 -2.66 3.88 1.77
N TRP B 154 -1.98 4.59 2.67
CA TRP B 154 -1.47 3.97 3.89
C TRP B 154 -1.32 5.03 4.99
N GLU B 155 -1.64 4.64 6.21
CA GLU B 155 -1.59 5.57 7.34
C GLU B 155 -1.38 4.82 8.66
N SER B 156 -0.73 5.47 9.61
CA SER B 156 -0.69 4.96 10.97
C SER B 156 -0.21 5.98 11.99
N ALA B 157 -0.69 5.81 13.23
CA ALA B 157 -0.11 6.48 14.38
C ALA B 157 0.98 5.60 14.98
N GLY B 158 1.68 4.88 14.11
CA GLY B 158 2.87 4.16 14.53
C GLY B 158 2.61 2.93 15.38
N GLU B 159 1.44 2.88 16.00
CA GLU B 159 1.11 1.81 16.92
C GLU B 159 1.01 0.47 16.19
N GLY B 160 0.44 -0.54 16.85
CA GLY B 160 0.40 -1.87 16.28
C GLY B 160 -0.62 -1.97 15.16
N GLU B 161 -0.87 -0.87 14.48
CA GLU B 161 -2.01 -0.76 13.57
C GLU B 161 -1.69 0.10 12.37
N TYR B 162 -1.77 -0.49 11.17
CA TYR B 162 -1.66 0.26 9.93
C TYR B 162 -2.95 0.15 9.13
N THR B 163 -3.23 1.15 8.31
CA THR B 163 -4.45 1.18 7.52
C THR B 163 -4.16 1.40 6.04
N VAL B 164 -4.55 0.44 5.22
CA VAL B 164 -4.21 0.46 3.79
C VAL B 164 -5.45 0.28 2.93
N ALA B 165 -5.58 1.11 1.90
CA ALA B 165 -6.77 1.07 1.05
C ALA B 165 -6.46 1.37 -0.41
N ASP B 166 -7.00 0.55 -1.30
CA ASP B 166 -7.14 0.91 -2.71
C ASP B 166 -7.58 2.37 -2.79
N ILE B 167 -6.84 3.17 -3.55
CA ILE B 167 -7.29 4.52 -3.88
C ILE B 167 -6.85 4.92 -5.29
N THR B 168 -7.27 6.11 -5.71
CA THR B 168 -6.86 6.67 -6.99
C THR B 168 -5.83 7.78 -6.83
N LYS B 169 -4.79 7.73 -7.64
CA LYS B 169 -3.82 8.83 -7.73
C LYS B 169 -3.29 8.91 -9.15
N GLU B 170 -3.69 9.96 -9.87
CA GLU B 170 -3.43 10.06 -11.30
C GLU B 170 -1.95 9.97 -11.64
N ASP B 171 -1.14 10.76 -10.93
CA ASP B 171 0.30 10.77 -11.16
C ASP B 171 0.93 9.42 -10.85
N ARG B 172 2.22 9.29 -11.15
CA ARG B 172 2.97 8.08 -10.83
C ARG B 172 3.89 8.38 -9.65
N GLY B 173 4.27 7.33 -8.92
CA GLY B 173 5.26 7.51 -7.86
C GLY B 173 4.67 7.40 -6.47
N THR B 174 5.26 8.13 -5.53
CA THR B 174 4.83 8.07 -4.14
C THR B 174 4.81 9.45 -3.48
N GLU B 175 3.86 9.64 -2.56
CA GLU B 175 3.77 10.86 -1.78
C GLU B 175 3.70 10.55 -0.30
N ILE B 176 4.71 10.97 0.46
CA ILE B 176 4.73 10.76 1.90
C ILE B 176 4.44 12.07 2.63
N THR B 177 3.50 12.01 3.58
CA THR B 177 3.06 13.21 4.28
C THR B 177 3.16 12.99 5.79
N LEU B 178 3.66 14.01 6.50
CA LEU B 178 3.96 13.86 7.92
C LEU B 178 3.15 14.83 8.78
N HIS B 179 2.17 14.28 9.49
CA HIS B 179 1.52 15.02 10.56
C HIS B 179 2.56 15.23 11.65
N LEU B 180 2.96 16.49 11.83
CA LEU B 180 4.03 16.81 12.77
C LEU B 180 3.57 16.80 14.22
N ARG B 181 4.46 16.34 15.09
CA ARG B 181 4.17 16.23 16.51
C ARG B 181 4.22 17.57 17.23
N GLU B 182 3.30 17.79 18.15
CA GLU B 182 3.18 19.05 18.86
C GLU B 182 4.54 19.49 19.40
N GLY B 183 5.07 20.57 18.83
CA GLY B 183 6.32 21.12 19.34
C GLY B 183 7.53 20.82 18.48
N GLU B 184 7.30 20.43 17.22
CA GLU B 184 8.40 20.27 16.28
C GLU B 184 8.28 21.23 15.10
N ASP B 185 7.70 22.40 15.35
CA ASP B 185 7.57 23.44 14.33
C ASP B 185 8.93 23.74 13.72
N GLU B 186 9.98 23.25 14.36
CA GLU B 186 11.34 23.39 13.85
C GLU B 186 11.43 23.04 12.37
N PHE B 187 10.56 22.15 11.92
CA PHE B 187 10.65 21.62 10.57
C PHE B 187 9.67 22.28 9.59
N LEU B 188 9.01 23.34 10.05
CA LEU B 188 8.17 24.15 9.19
C LEU B 188 8.88 25.43 8.79
N ASP B 189 10.16 25.53 9.13
CA ASP B 189 10.92 26.75 8.91
C ASP B 189 11.71 26.71 7.61
N ASP B 190 11.27 27.53 6.65
CA ASP B 190 11.77 27.46 5.28
C ASP B 190 13.28 27.26 5.24
N TRP B 191 13.99 27.96 6.12
CA TRP B 191 15.45 27.93 6.10
C TRP B 191 15.98 26.62 6.68
N ARG B 192 15.41 26.21 7.81
CA ARG B 192 15.81 24.96 8.44
C ARG B 192 15.72 23.82 7.44
N VAL B 193 14.57 23.72 6.77
CA VAL B 193 14.33 22.62 5.84
C VAL B 193 15.31 22.68 4.68
N ARG B 194 15.35 23.81 3.99
CA ARG B 194 16.24 23.96 2.85
C ARG B 194 17.66 23.54 3.22
N SER B 195 18.10 23.99 4.39
CA SER B 195 19.39 23.59 4.94
C SER B 195 19.49 22.08 5.07
N ILE B 196 18.55 21.50 5.81
CA ILE B 196 18.57 20.06 6.07
C ILE B 196 18.53 19.30 4.74
N ILE B 197 17.93 19.92 3.73
CA ILE B 197 17.89 19.33 2.40
C ILE B 197 19.31 19.22 1.84
N SER B 198 19.94 20.37 1.62
CA SER B 198 21.25 20.40 0.99
C SER B 198 22.28 19.58 1.77
N LYS B 199 22.16 19.60 3.09
CA LYS B 199 23.04 18.81 3.96
C LYS B 199 22.95 17.32 3.62
N TYR B 200 22.21 16.98 2.56
CA TYR B 200 22.22 15.63 2.03
C TYR B 200 22.03 15.67 0.51
N SER B 201 21.12 16.53 0.05
CA SER B 201 20.79 16.65 -1.36
C SER B 201 22.04 16.64 -2.23
N ASP B 202 23.15 17.13 -1.67
CA ASP B 202 24.37 17.35 -2.43
C ASP B 202 24.88 16.08 -3.10
N HIS B 203 24.97 14.99 -2.33
CA HIS B 203 25.63 13.79 -2.82
C HIS B 203 24.68 12.88 -3.59
N ILE B 204 23.51 13.42 -3.95
CA ILE B 204 22.42 12.61 -4.48
C ILE B 204 22.16 12.92 -5.94
N ALA B 205 21.90 11.88 -6.74
CA ALA B 205 21.87 12.00 -8.20
C ALA B 205 20.52 12.51 -8.71
N LEU B 206 19.54 12.61 -7.82
CA LEU B 206 18.19 12.94 -8.22
C LEU B 206 17.83 14.38 -7.90
N PRO B 207 17.23 15.11 -8.85
CA PRO B 207 16.87 16.52 -8.66
C PRO B 207 15.89 16.69 -7.51
N VAL B 208 16.31 17.43 -6.48
CA VAL B 208 15.50 17.60 -5.28
C VAL B 208 14.92 19.01 -5.21
N GLU B 209 13.68 19.15 -5.68
CA GLU B 209 13.03 20.44 -5.75
C GLU B 209 12.30 20.76 -4.45
N ILE B 210 11.82 21.99 -4.32
CA ILE B 210 11.14 22.41 -3.11
C ILE B 210 10.20 23.59 -3.41
N GLU B 211 9.18 23.76 -2.57
CA GLU B 211 8.02 24.58 -2.91
C GLU B 211 8.31 26.06 -2.79
N LYS B 212 8.29 26.75 -3.93
CA LYS B 212 8.49 28.20 -3.95
C LYS B 212 7.22 28.92 -4.40
N ARG B 213 6.61 29.66 -3.49
CA ARG B 213 5.36 30.34 -3.77
C ARG B 213 5.62 31.78 -4.24
N GLU B 219 -1.94 37.26 -5.49
CA GLU B 219 -2.35 35.86 -5.40
C GLU B 219 -1.13 34.97 -5.28
N THR B 220 -1.36 33.65 -5.30
CA THR B 220 -0.27 32.69 -5.15
C THR B 220 -0.06 31.86 -6.41
N VAL B 221 1.10 32.02 -7.03
CA VAL B 221 1.52 31.15 -8.11
C VAL B 221 2.91 30.60 -7.82
N ILE B 222 3.00 29.29 -7.64
CA ILE B 222 4.18 28.69 -7.04
C ILE B 222 4.95 27.82 -8.04
N SER B 223 6.28 27.89 -7.98
CA SER B 223 7.14 27.03 -8.77
C SER B 223 8.00 26.15 -7.86
N TRP B 224 8.79 25.26 -8.46
CA TRP B 224 9.69 24.41 -7.69
C TRP B 224 11.14 24.65 -8.04
N GLU B 225 11.96 24.88 -7.01
CA GLU B 225 13.38 25.16 -7.23
C GLU B 225 14.24 24.05 -6.64
N LYS B 226 15.17 23.55 -7.44
CA LYS B 226 16.03 22.45 -7.01
C LYS B 226 17.20 23.00 -6.18
N ILE B 227 17.44 22.37 -5.03
CA ILE B 227 18.51 22.80 -4.15
C ILE B 227 19.75 21.96 -4.45
N ASN B 228 19.64 21.12 -5.47
CA ASN B 228 20.60 20.05 -5.71
C ASN B 228 21.29 20.22 -7.06
N LYS B 229 22.62 20.11 -7.05
CA LYS B 229 23.40 20.01 -8.29
C LYS B 229 22.89 18.87 -9.16
N ALA B 230 22.57 17.74 -8.53
CA ALA B 230 22.05 16.59 -9.26
C ALA B 230 23.04 16.07 -10.33
N GLN B 231 24.12 15.37 -9.91
CA GLN B 231 25.07 14.63 -10.79
C GLN B 231 25.66 13.41 -10.06
N ALA B 232 25.60 12.24 -10.69
CA ALA B 232 26.19 11.02 -10.13
C ALA B 232 27.58 11.27 -9.55
N LEU B 233 27.70 11.18 -8.24
CA LEU B 233 28.89 11.65 -7.55
C LEU B 233 30.14 10.94 -8.08
N TRP B 234 29.97 9.70 -8.52
CA TRP B 234 31.10 8.93 -9.03
C TRP B 234 31.53 9.41 -10.42
N THR B 235 30.59 10.01 -11.14
CA THR B 235 30.90 10.50 -12.48
C THR B 235 31.61 11.86 -12.37
N ARG B 236 31.56 12.45 -11.19
CA ARG B 236 32.30 13.68 -10.93
C ARG B 236 33.78 13.38 -10.70
N ASN B 237 34.59 14.43 -10.70
CA ASN B 237 36.04 14.26 -10.66
C ASN B 237 36.59 14.36 -9.22
N LYS B 238 37.57 13.53 -8.94
CA LYS B 238 37.96 13.20 -7.57
C LYS B 238 38.32 14.41 -6.71
N SER B 239 38.59 15.54 -7.36
CA SER B 239 39.06 16.73 -6.66
C SER B 239 37.92 17.49 -6.00
N GLU B 240 36.77 17.52 -6.66
CA GLU B 240 35.66 18.35 -6.21
C GLU B 240 34.78 17.62 -5.20
N ILE B 241 34.98 16.32 -5.08
CA ILE B 241 34.17 15.49 -4.19
C ILE B 241 34.74 15.49 -2.79
N THR B 242 34.11 16.24 -1.89
CA THR B 242 34.57 16.34 -0.50
C THR B 242 34.43 15.01 0.22
N ASP B 243 35.14 14.89 1.35
CA ASP B 243 35.08 13.68 2.16
C ASP B 243 33.65 13.44 2.64
N GLU B 244 32.96 14.52 2.98
CA GLU B 244 31.56 14.45 3.35
C GLU B 244 30.75 13.70 2.28
N GLU B 245 30.68 14.29 1.09
CA GLU B 245 29.99 13.66 -0.03
C GLU B 245 30.36 12.19 -0.15
N TYR B 246 31.62 11.87 0.07
CA TYR B 246 32.08 10.49 -0.04
C TYR B 246 31.50 9.60 1.06
N LYS B 247 31.59 10.05 2.30
CA LYS B 247 31.07 9.29 3.43
C LYS B 247 29.56 9.09 3.31
N GLU B 248 28.85 10.21 3.18
CA GLU B 248 27.40 10.19 3.13
C GLU B 248 26.91 9.36 1.94
N PHE B 249 27.71 9.34 0.88
CA PHE B 249 27.34 8.57 -0.30
C PHE B 249 27.47 7.07 -0.02
N TYR B 250 28.46 6.72 0.82
CA TYR B 250 28.58 5.34 1.27
C TYR B 250 27.33 4.94 2.04
N LYS B 251 26.87 5.81 2.93
CA LYS B 251 25.61 5.59 3.61
C LYS B 251 24.53 5.21 2.61
N HIS B 252 24.31 6.09 1.62
CA HIS B 252 23.17 6.00 0.74
C HIS B 252 23.17 4.73 -0.12
N ILE B 253 24.37 4.23 -0.44
CA ILE B 253 24.48 3.04 -1.26
C ILE B 253 24.57 1.73 -0.46
N ALA B 254 25.02 1.84 0.79
CA ALA B 254 25.26 0.65 1.60
C ALA B 254 24.29 0.54 2.78
N HIS B 255 23.26 1.37 2.77
CA HIS B 255 22.20 1.29 3.78
C HIS B 255 22.79 1.13 5.18
N ASP B 256 23.92 1.77 5.41
CA ASP B 256 24.55 1.78 6.72
C ASP B 256 24.81 3.24 7.07
N PHE B 257 24.73 3.57 8.35
CA PHE B 257 25.11 4.91 8.80
C PHE B 257 26.09 4.88 9.96
N ASN B 258 26.97 3.89 9.94
CA ASN B 258 28.34 4.07 10.42
C ASN B 258 29.08 4.74 9.27
N ASP B 259 29.98 5.66 9.58
CA ASP B 259 30.85 6.22 8.57
C ASP B 259 31.77 5.13 8.02
N PRO B 260 32.08 5.18 6.72
CA PRO B 260 33.00 4.21 6.12
C PRO B 260 34.43 4.42 6.62
N LEU B 261 35.31 3.48 6.31
CA LEU B 261 36.70 3.59 6.72
C LEU B 261 37.52 4.35 5.68
N THR B 262 37.40 3.96 4.43
CA THR B 262 38.10 4.62 3.34
C THR B 262 37.82 3.95 2.01
N TRP B 263 38.07 4.66 0.92
CA TRP B 263 37.53 4.30 -0.38
C TRP B 263 38.55 4.43 -1.51
N SER B 264 38.07 4.25 -2.73
CA SER B 264 38.93 4.20 -3.90
C SER B 264 38.16 4.62 -5.15
N HIS B 265 38.33 5.87 -5.56
CA HIS B 265 37.59 6.41 -6.71
C HIS B 265 38.50 6.43 -7.93
N ASN B 266 38.35 5.44 -8.79
CA ASN B 266 39.26 5.26 -9.92
C ASN B 266 38.51 5.12 -11.24
N ARG B 267 38.94 5.90 -12.24
CA ARG B 267 38.37 5.83 -13.57
C ARG B 267 39.28 5.05 -14.52
N VAL B 268 38.71 4.55 -15.61
CA VAL B 268 39.48 3.83 -16.61
C VAL B 268 38.94 4.06 -18.02
N GLU B 269 39.85 4.34 -18.95
CA GLU B 269 39.47 4.61 -20.33
C GLU B 269 40.06 3.55 -21.26
N GLY B 270 39.52 3.46 -22.46
CA GLY B 270 40.15 2.63 -23.48
C GLY B 270 39.21 1.59 -24.07
N LYS B 271 39.60 0.33 -24.00
CA LYS B 271 38.67 -0.77 -24.25
C LYS B 271 37.68 -0.77 -23.10
N GLN B 272 38.12 -1.29 -21.97
CA GLN B 272 37.46 -1.05 -20.70
C GLN B 272 37.49 0.44 -20.38
N GLU B 273 36.40 1.14 -20.73
CA GLU B 273 36.08 2.41 -20.09
C GLU B 273 35.03 2.16 -19.00
N TYR B 274 35.49 2.07 -17.77
CA TYR B 274 34.58 2.08 -16.63
C TYR B 274 35.11 2.96 -15.50
N THR B 275 34.20 3.69 -14.86
CA THR B 275 34.47 4.29 -13.56
C THR B 275 34.16 3.25 -12.49
N SER B 276 34.80 3.39 -11.33
CA SER B 276 34.52 2.50 -10.21
C SER B 276 34.85 3.19 -8.89
N LEU B 277 33.97 3.01 -7.92
CA LEU B 277 34.14 3.62 -6.61
C LEU B 277 33.87 2.60 -5.51
N LEU B 278 34.92 2.21 -4.79
CA LEU B 278 34.81 1.21 -3.73
C LEU B 278 34.98 1.82 -2.35
N TYR B 279 34.26 1.27 -1.37
CA TYR B 279 34.45 1.64 0.03
C TYR B 279 34.88 0.45 0.88
N ILE B 280 35.18 0.72 2.15
CA ILE B 280 35.39 -0.32 3.14
C ILE B 280 34.72 0.07 4.45
N PRO B 281 33.71 -0.71 4.88
CA PRO B 281 32.92 -0.40 6.08
C PRO B 281 33.76 -0.31 7.36
N SER B 282 33.28 0.47 8.31
CA SER B 282 33.94 0.60 9.60
C SER B 282 33.44 -0.50 10.55
N GLN B 283 32.33 -1.11 10.19
CA GLN B 283 31.71 -2.12 11.03
C GLN B 283 30.99 -3.15 10.16
N ALA B 284 31.13 -4.43 10.53
CA ALA B 284 30.65 -5.52 9.69
C ALA B 284 29.19 -5.84 9.99
N PRO B 285 28.39 -6.11 8.94
CA PRO B 285 26.95 -6.34 9.06
C PRO B 285 26.59 -7.62 9.80
N TRP B 286 25.31 -7.73 10.18
CA TRP B 286 24.77 -8.96 10.74
C TRP B 286 25.13 -10.14 9.86
N ASP B 287 24.60 -10.15 8.64
CA ASP B 287 24.63 -11.32 7.78
C ASP B 287 25.94 -11.48 7.02
N MET B 288 27.05 -11.15 7.68
CA MET B 288 28.37 -11.48 7.14
C MET B 288 28.65 -12.95 7.41
N TRP B 289 28.13 -13.45 8.52
CA TRP B 289 28.35 -14.83 8.91
C TRP B 289 27.08 -15.66 8.81
N ASN B 290 26.29 -15.34 7.79
CA ASN B 290 25.26 -16.24 7.29
C ASN B 290 25.69 -16.75 5.93
N ARG B 291 25.03 -17.79 5.45
CA ARG B 291 25.18 -18.19 4.05
C ARG B 291 24.05 -17.52 3.27
N ASP B 292 23.41 -16.56 3.91
CA ASP B 292 22.49 -15.66 3.22
C ASP B 292 23.18 -14.31 3.04
N HIS B 293 23.21 -13.85 1.79
CA HIS B 293 24.09 -12.76 1.39
C HIS B 293 23.80 -11.42 2.06
N LYS B 294 24.58 -10.42 1.67
CA LYS B 294 24.09 -9.09 1.34
C LYS B 294 24.90 -8.63 0.14
N HIS B 295 26.09 -9.20 0.01
CA HIS B 295 27.21 -8.57 -0.68
C HIS B 295 26.95 -8.28 -2.16
N GLY B 296 27.90 -7.59 -2.77
CA GLY B 296 27.78 -7.23 -4.17
C GLY B 296 27.98 -5.74 -4.36
N LEU B 297 28.20 -5.32 -5.60
CA LEU B 297 28.36 -3.91 -5.92
C LEU B 297 27.20 -3.44 -6.79
N LYS B 298 26.99 -2.13 -6.83
CA LYS B 298 25.90 -1.56 -7.61
C LYS B 298 26.40 -1.32 -9.03
N LEU B 299 25.85 -2.07 -9.98
CA LEU B 299 26.33 -2.05 -11.35
C LEU B 299 25.54 -1.10 -12.23
N TYR B 300 26.17 -0.02 -12.65
CA TYR B 300 25.58 0.89 -13.63
C TYR B 300 26.13 0.58 -15.01
N VAL B 301 25.35 0.89 -16.04
CA VAL B 301 25.83 0.81 -17.42
C VAL B 301 25.47 2.09 -18.16
N GLN B 302 26.46 2.94 -18.37
CA GLN B 302 26.23 4.26 -18.93
C GLN B 302 25.38 5.11 -17.99
N ARG B 303 25.84 5.21 -16.74
CA ARG B 303 25.22 6.09 -15.76
C ARG B 303 23.79 5.67 -15.40
N VAL B 304 23.42 4.47 -15.82
CA VAL B 304 22.08 3.95 -15.57
C VAL B 304 22.08 2.69 -14.72
N PHE B 305 21.52 2.79 -13.51
CA PHE B 305 21.39 1.66 -12.60
C PHE B 305 20.96 0.42 -13.37
N ILE B 306 21.42 -0.74 -12.94
CA ILE B 306 21.09 -2.00 -13.59
C ILE B 306 20.79 -3.11 -12.59
N MET B 307 21.47 -3.07 -11.45
CA MET B 307 21.13 -3.94 -10.33
C MET B 307 21.95 -3.60 -9.09
N ASP B 308 21.33 -3.72 -7.93
CA ASP B 308 22.03 -3.58 -6.66
C ASP B 308 22.58 -4.93 -6.22
N ASP B 309 23.62 -4.92 -5.41
CA ASP B 309 24.16 -6.14 -4.82
C ASP B 309 24.41 -7.21 -5.89
N ALA B 310 25.12 -6.82 -6.95
CA ALA B 310 25.67 -7.79 -7.89
C ALA B 310 27.06 -8.19 -7.42
N GLU B 311 27.29 -9.48 -7.27
CA GLU B 311 28.48 -9.99 -6.58
C GLU B 311 29.46 -10.74 -7.47
N GLN B 312 29.45 -10.44 -8.77
CA GLN B 312 30.48 -10.94 -9.66
C GLN B 312 31.79 -10.18 -9.50
N PHE B 313 31.69 -8.88 -9.23
CA PHE B 313 32.84 -7.99 -9.31
C PHE B 313 33.64 -7.96 -8.01
N MET B 314 33.37 -8.90 -7.12
CA MET B 314 34.24 -9.16 -6.00
C MET B 314 34.53 -10.65 -5.85
N PRO B 315 35.79 -10.99 -5.50
CA PRO B 315 36.12 -12.33 -5.02
C PRO B 315 35.49 -12.55 -3.65
N ASN B 316 35.07 -13.78 -3.39
CA ASN B 316 34.34 -14.09 -2.16
C ASN B 316 35.15 -13.85 -0.90
N TYR B 317 36.46 -13.63 -1.05
CA TYR B 317 37.29 -13.30 0.10
C TYR B 317 37.36 -11.78 0.30
N LEU B 318 36.59 -11.05 -0.50
CA LEU B 318 36.52 -9.59 -0.39
C LEU B 318 35.07 -9.13 -0.30
N ARG B 319 34.16 -10.08 -0.09
CA ARG B 319 32.73 -9.78 -0.13
C ARG B 319 32.34 -8.56 0.69
N PHE B 320 33.12 -8.25 1.71
CA PHE B 320 32.83 -7.10 2.56
C PHE B 320 33.01 -5.77 1.82
N VAL B 321 33.58 -5.84 0.62
CA VAL B 321 33.69 -4.66 -0.24
C VAL B 321 32.30 -4.16 -0.62
N ARG B 322 32.12 -2.85 -0.54
CA ARG B 322 30.88 -2.22 -0.99
C ARG B 322 31.14 -0.98 -1.82
N GLY B 323 30.29 -0.75 -2.82
CA GLY B 323 30.50 0.35 -3.74
C GLY B 323 29.85 0.07 -5.09
N LEU B 324 30.05 0.97 -6.04
CA LEU B 324 29.47 0.78 -7.37
C LEU B 324 30.52 0.84 -8.47
N ILE B 325 30.08 0.57 -9.69
CA ILE B 325 30.95 0.51 -10.85
C ILE B 325 30.15 0.80 -12.13
N ASP B 326 30.58 1.81 -12.87
CA ASP B 326 29.83 2.29 -14.02
C ASP B 326 30.56 1.98 -15.33
N SER B 327 30.17 0.87 -15.95
CA SER B 327 30.79 0.43 -17.19
C SER B 327 30.10 1.03 -18.41
N SER B 328 30.89 1.33 -19.44
CA SER B 328 30.36 1.88 -20.69
C SER B 328 30.50 0.85 -21.80
N ASP B 329 30.85 -0.38 -21.43
CA ASP B 329 31.17 -1.41 -22.41
C ASP B 329 30.15 -2.55 -22.44
N LEU B 330 29.69 -2.95 -21.26
CA LEU B 330 28.76 -4.08 -21.14
C LEU B 330 27.46 -3.84 -21.90
N PRO B 331 26.76 -4.92 -22.26
CA PRO B 331 25.47 -4.82 -22.96
C PRO B 331 24.44 -4.04 -22.16
N LEU B 332 23.50 -3.42 -22.87
CA LEU B 332 22.47 -2.61 -22.23
C LEU B 332 21.37 -3.53 -21.70
N ASN B 333 21.43 -4.79 -22.10
CA ASN B 333 20.49 -5.79 -21.62
C ASN B 333 21.22 -6.91 -20.87
N VAL B 334 21.95 -6.51 -19.84
CA VAL B 334 22.79 -7.45 -19.10
C VAL B 334 22.02 -8.17 -17.99
N SER B 335 22.32 -9.45 -17.81
CA SER B 335 21.71 -10.24 -16.74
C SER B 335 22.81 -10.77 -15.81
N ARG B 336 22.41 -11.34 -14.68
CA ARG B 336 23.36 -11.95 -13.76
C ARG B 336 23.96 -13.19 -14.42
N GLU B 337 23.23 -13.74 -15.39
CA GLU B 337 23.73 -14.87 -16.17
C GLU B 337 24.88 -14.43 -17.06
N ILE B 338 24.63 -13.42 -17.89
CA ILE B 338 25.65 -12.88 -18.78
C ILE B 338 26.89 -12.47 -17.99
N LEU B 339 26.66 -11.84 -16.84
CA LEU B 339 27.77 -11.40 -16.00
C LEU B 339 28.61 -12.56 -15.48
N GLN B 340 27.97 -13.47 -14.77
CA GLN B 340 28.68 -14.56 -14.11
C GLN B 340 29.44 -15.42 -15.11
N ASP B 341 28.86 -15.62 -16.29
CA ASP B 341 29.44 -16.53 -17.28
C ASP B 341 30.56 -15.91 -18.11
N SER B 342 30.31 -14.73 -18.66
CA SER B 342 31.24 -14.15 -19.65
C SER B 342 32.59 -13.81 -19.04
N THR B 343 33.41 -13.09 -19.80
CA THR B 343 34.82 -12.95 -19.50
C THR B 343 35.19 -11.52 -19.11
N VAL B 344 34.51 -10.55 -19.71
CA VAL B 344 34.73 -9.14 -19.40
C VAL B 344 34.54 -8.93 -17.91
N THR B 345 33.72 -9.78 -17.30
CA THR B 345 33.51 -9.74 -15.85
C THR B 345 34.79 -10.17 -15.15
N ARG B 346 35.33 -11.31 -15.56
CA ARG B 346 36.49 -11.90 -14.91
C ARG B 346 37.62 -10.86 -14.86
N ASN B 347 37.90 -10.24 -16.01
CA ASN B 347 38.86 -9.15 -16.04
C ASN B 347 38.44 -8.06 -15.05
N LEU B 348 37.25 -7.51 -15.25
CA LEU B 348 36.77 -6.42 -14.42
C LEU B 348 36.95 -6.75 -12.94
N ARG B 349 36.68 -8.00 -12.60
CA ARG B 349 36.86 -8.48 -11.23
C ARG B 349 38.30 -8.28 -10.79
N ASN B 350 39.21 -9.04 -11.39
CA ASN B 350 40.59 -9.08 -10.90
C ASN B 350 41.15 -7.67 -10.76
N ALA B 351 40.84 -6.82 -11.73
CA ALA B 351 41.21 -5.41 -11.65
C ALA B 351 40.71 -4.81 -10.35
N LEU B 352 39.40 -4.80 -10.16
CA LEU B 352 38.80 -4.23 -8.96
C LEU B 352 39.41 -4.85 -7.70
N THR B 353 39.66 -6.16 -7.76
CA THR B 353 40.31 -6.87 -6.66
C THR B 353 41.54 -6.10 -6.22
N LYS B 354 42.50 -5.95 -7.14
CA LYS B 354 43.74 -5.26 -6.84
C LYS B 354 43.44 -3.86 -6.30
N ARG B 355 42.50 -3.17 -6.93
CA ARG B 355 42.07 -1.86 -6.47
C ARG B 355 41.81 -1.88 -4.97
N VAL B 356 41.26 -3.00 -4.49
CA VAL B 356 40.84 -3.11 -3.10
C VAL B 356 42.02 -3.39 -2.19
N LEU B 357 42.80 -4.41 -2.54
CA LEU B 357 44.08 -4.66 -1.87
C LEU B 357 44.92 -3.38 -1.85
N GLN B 358 44.86 -2.64 -2.95
CA GLN B 358 45.48 -1.32 -3.02
C GLN B 358 44.98 -0.48 -1.86
N MET B 359 43.66 -0.34 -1.78
CA MET B 359 43.03 0.55 -0.81
C MET B 359 43.44 0.20 0.61
N LEU B 360 43.77 -1.06 0.85
CA LEU B 360 43.97 -1.58 2.19
C LEU B 360 45.40 -1.36 2.65
N GLU B 361 46.35 -1.85 1.83
CA GLU B 361 47.75 -1.50 1.99
C GLU B 361 47.86 -0.01 2.29
N LYS B 362 47.22 0.79 1.45
CA LYS B 362 47.23 2.24 1.58
C LYS B 362 46.76 2.66 2.98
N LEU B 363 45.57 2.23 3.35
CA LEU B 363 45.01 2.56 4.66
C LEU B 363 45.90 2.01 5.77
N ALA B 364 46.54 0.87 5.50
CA ALA B 364 47.38 0.21 6.48
C ALA B 364 48.51 1.16 6.89
N LYS B 365 49.09 1.83 5.92
CA LYS B 365 50.24 2.69 6.18
C LYS B 365 49.85 4.10 6.61
N ASP B 366 48.66 4.55 6.20
CA ASP B 366 48.21 5.89 6.52
C ASP B 366 47.71 5.98 7.95
N ASP B 367 46.65 5.22 8.26
CA ASP B 367 46.04 5.29 9.58
C ASP B 367 45.97 3.90 10.21
N ALA B 368 47.03 3.54 10.93
CA ALA B 368 47.13 2.20 11.51
C ALA B 368 46.09 2.03 12.61
N GLU B 369 45.64 3.15 13.17
CA GLU B 369 44.52 3.15 14.11
C GLU B 369 43.28 2.58 13.43
N LYS B 370 43.01 3.03 12.22
CA LYS B 370 41.79 2.63 11.50
C LYS B 370 41.92 1.24 10.92
N TYR B 371 43.12 0.85 10.52
CA TYR B 371 43.34 -0.48 9.98
C TYR B 371 43.17 -1.54 11.07
N GLN B 372 43.72 -1.28 12.24
CA GLN B 372 43.51 -2.15 13.38
C GLN B 372 42.02 -2.37 13.54
N THR B 373 41.24 -1.31 13.32
CA THR B 373 39.79 -1.40 13.34
C THR B 373 39.31 -2.34 12.24
N PHE B 374 39.71 -2.05 11.00
CA PHE B 374 39.32 -2.87 9.86
C PHE B 374 39.61 -4.33 10.11
N TRP B 375 40.81 -4.62 10.63
CA TRP B 375 41.21 -6.00 10.88
C TRP B 375 40.28 -6.66 11.89
N GLN B 376 40.07 -5.99 13.02
CA GLN B 376 39.16 -6.50 14.04
C GLN B 376 37.77 -6.73 13.47
N GLN B 377 37.52 -6.18 12.29
CA GLN B 377 36.18 -6.19 11.71
C GLN B 377 36.03 -7.05 10.46
N PHE B 378 37.15 -7.49 9.89
CA PHE B 378 37.12 -8.19 8.60
C PHE B 378 38.23 -9.21 8.42
N GLY B 379 39.19 -9.23 9.35
CA GLY B 379 40.27 -10.19 9.26
C GLY B 379 39.85 -11.58 8.84
N LEU B 380 38.91 -12.16 9.58
CA LEU B 380 38.55 -13.56 9.39
C LEU B 380 38.12 -13.85 7.96
N VAL B 381 37.66 -12.80 7.27
CA VAL B 381 37.21 -12.94 5.89
C VAL B 381 38.38 -12.80 4.92
N LEU B 382 39.26 -11.84 5.19
CA LEU B 382 40.49 -11.71 4.43
C LEU B 382 41.25 -13.03 4.45
N LYS B 383 41.31 -13.66 5.61
CA LYS B 383 42.11 -14.87 5.80
C LYS B 383 41.69 -16.00 4.87
N GLU B 384 40.48 -15.92 4.33
CA GLU B 384 40.02 -16.87 3.33
C GLU B 384 40.84 -16.68 2.06
N GLY B 385 41.50 -15.53 1.95
CA GLY B 385 42.04 -15.09 0.69
C GLY B 385 43.15 -15.95 0.10
N PRO B 386 44.21 -16.23 0.87
CA PRO B 386 45.39 -16.92 0.32
C PRO B 386 45.05 -18.25 -0.35
N ALA B 387 43.95 -18.86 0.08
CA ALA B 387 43.48 -20.09 -0.54
C ALA B 387 42.76 -19.81 -1.85
N GLU B 388 42.07 -18.67 -1.91
CA GLU B 388 41.27 -18.32 -3.08
C GLU B 388 42.09 -17.64 -4.18
N ASP B 389 42.37 -16.35 -4.00
CA ASP B 389 43.07 -15.59 -5.02
C ASP B 389 44.58 -15.84 -4.95
N PHE B 390 45.04 -16.81 -5.72
CA PHE B 390 46.46 -17.17 -5.74
C PHE B 390 47.31 -16.04 -6.29
N ALA B 391 46.84 -15.40 -7.35
CA ALA B 391 47.61 -14.38 -8.04
C ALA B 391 48.22 -13.37 -7.07
N ASN B 392 47.38 -12.72 -6.28
CA ASN B 392 47.81 -11.61 -5.45
C ASN B 392 48.28 -12.09 -4.07
N GLN B 393 48.61 -13.37 -3.98
CA GLN B 393 48.80 -14.02 -2.69
C GLN B 393 49.78 -13.27 -1.80
N GLU B 394 50.90 -12.83 -2.37
CA GLU B 394 51.88 -12.05 -1.63
C GLU B 394 51.21 -10.80 -1.03
N ALA B 395 50.62 -9.99 -1.89
CA ALA B 395 49.99 -8.75 -1.46
C ALA B 395 49.04 -9.00 -0.29
N ILE B 396 48.23 -10.04 -0.40
CA ILE B 396 47.27 -10.38 0.64
C ILE B 396 47.98 -10.65 1.96
N ALA B 397 49.00 -11.50 1.91
CA ALA B 397 49.79 -11.79 3.09
C ALA B 397 50.18 -10.49 3.79
N LYS B 398 50.75 -9.57 3.01
CA LYS B 398 51.23 -8.30 3.54
C LYS B 398 50.17 -7.64 4.41
N LEU B 399 48.91 -7.89 4.08
CA LEU B 399 47.80 -7.24 4.77
C LEU B 399 47.46 -7.89 6.10
N LEU B 400 47.74 -9.19 6.21
CA LEU B 400 47.41 -9.94 7.42
C LEU B 400 48.02 -9.28 8.66
N ARG B 401 47.53 -9.67 9.83
CA ARG B 401 47.96 -9.09 11.10
C ARG B 401 47.72 -10.07 12.24
N PHE B 402 48.80 -10.65 12.77
CA PHE B 402 48.69 -11.74 13.73
C PHE B 402 48.93 -11.29 15.17
N ALA B 403 49.01 -12.27 16.07
CA ALA B 403 49.45 -12.04 17.44
C ALA B 403 50.61 -12.98 17.73
N SER B 404 51.57 -12.53 18.54
CA SER B 404 52.78 -13.30 18.77
C SER B 404 53.43 -13.06 20.12
N THR B 405 54.30 -13.98 20.52
CA THR B 405 54.93 -13.94 21.84
C THR B 405 55.64 -12.63 22.12
N HIS B 406 55.82 -11.81 21.08
CA HIS B 406 56.43 -10.50 21.25
C HIS B 406 55.78 -9.77 22.42
N THR B 407 54.45 -9.84 22.50
CA THR B 407 53.73 -9.31 23.66
C THR B 407 52.57 -10.20 24.05
N ASP B 408 52.41 -10.40 25.36
CA ASP B 408 51.47 -11.38 25.90
C ASP B 408 50.02 -10.93 25.82
N SER B 409 49.71 -10.06 24.87
CA SER B 409 48.34 -9.63 24.66
C SER B 409 47.72 -10.44 23.53
N SER B 410 46.45 -10.81 23.70
CA SER B 410 45.73 -11.54 22.66
C SER B 410 45.50 -10.68 21.43
N ALA B 411 45.78 -9.39 21.54
CA ALA B 411 45.59 -8.45 20.44
C ALA B 411 46.44 -8.85 19.22
N GLN B 412 45.86 -8.72 18.05
CA GLN B 412 46.49 -9.19 16.81
C GLN B 412 47.12 -8.01 16.07
N THR B 413 48.16 -7.43 16.65
CA THR B 413 48.76 -6.21 16.12
C THR B 413 49.86 -6.47 15.11
N VAL B 414 50.64 -7.52 15.33
CA VAL B 414 51.91 -7.69 14.61
C VAL B 414 51.64 -8.08 13.16
N SER B 415 52.61 -7.79 12.29
CA SER B 415 52.52 -8.12 10.88
C SER B 415 53.71 -8.98 10.43
N LEU B 416 53.69 -9.40 9.17
CA LEU B 416 54.72 -10.30 8.66
C LEU B 416 56.05 -9.57 8.48
N GLU B 417 55.98 -8.27 8.27
CA GLU B 417 57.19 -7.44 8.25
C GLU B 417 57.68 -7.17 9.65
N ASP B 418 56.74 -6.88 10.56
CA ASP B 418 57.07 -6.70 11.96
C ASP B 418 57.78 -7.93 12.50
N TYR B 419 57.56 -9.06 11.85
CA TYR B 419 58.17 -10.32 12.28
C TYR B 419 59.56 -10.46 11.67
N VAL B 420 59.64 -10.35 10.35
CA VAL B 420 60.92 -10.46 9.66
C VAL B 420 61.88 -9.41 10.22
N SER B 421 61.34 -8.25 10.57
CA SER B 421 62.13 -7.16 11.13
C SER B 421 62.71 -7.53 12.50
N ARG B 422 62.26 -8.64 13.06
CA ARG B 422 62.76 -9.10 14.34
C ARG B 422 63.74 -10.27 14.19
N MET B 423 63.73 -10.92 13.03
CA MET B 423 64.35 -12.23 12.88
C MET B 423 65.84 -12.24 13.20
N LYS B 424 66.31 -13.36 13.72
CA LYS B 424 67.72 -13.54 14.04
C LYS B 424 68.42 -14.39 12.97
N GLU B 425 69.75 -14.39 13.00
CA GLU B 425 70.54 -15.11 12.02
C GLU B 425 70.12 -16.58 11.92
N GLY B 426 70.14 -17.11 10.70
CA GLY B 426 69.84 -18.52 10.51
C GLY B 426 68.36 -18.85 10.63
N GLN B 427 67.58 -17.91 11.14
CA GLN B 427 66.14 -18.14 11.29
C GLN B 427 65.45 -18.11 9.93
N GLU B 428 65.46 -19.25 9.24
CA GLU B 428 65.07 -19.28 7.84
C GLU B 428 63.57 -19.51 7.68
N LYS B 429 62.90 -19.81 8.79
CA LYS B 429 61.48 -20.08 8.77
C LYS B 429 60.71 -19.24 9.78
N ILE B 430 59.43 -19.01 9.49
CA ILE B 430 58.55 -18.31 10.42
C ILE B 430 57.78 -19.32 11.25
N TYR B 431 57.87 -19.19 12.57
CA TYR B 431 57.34 -20.21 13.47
C TYR B 431 56.00 -19.83 14.08
N TYR B 432 55.02 -20.71 13.93
CA TYR B 432 53.67 -20.46 14.40
C TYR B 432 53.08 -21.67 15.10
N ILE B 433 51.97 -21.46 15.80
CA ILE B 433 51.24 -22.55 16.44
C ILE B 433 49.74 -22.41 16.23
N THR B 434 49.08 -23.54 15.97
CA THR B 434 47.66 -23.54 15.67
C THR B 434 46.88 -24.23 16.79
N ALA B 435 46.20 -23.43 17.60
CA ALA B 435 45.44 -23.95 18.74
C ALA B 435 43.95 -23.75 18.51
N ASP B 436 43.18 -23.77 19.60
CA ASP B 436 41.75 -23.52 19.53
C ASP B 436 41.41 -22.17 20.16
N SER B 437 42.31 -21.67 20.99
CA SER B 437 42.14 -20.37 21.62
C SER B 437 43.45 -19.81 22.15
N TYR B 438 43.45 -18.51 22.45
CA TYR B 438 44.68 -17.81 22.81
C TYR B 438 45.40 -18.46 23.98
N ALA B 439 44.77 -18.47 25.15
CA ALA B 439 45.38 -19.02 26.35
C ALA B 439 45.98 -20.40 26.06
N ALA B 440 45.25 -21.19 25.27
CA ALA B 440 45.74 -22.50 24.86
C ALA B 440 47.11 -22.37 24.20
N ALA B 441 47.14 -21.72 23.04
CA ALA B 441 48.38 -21.57 22.29
C ALA B 441 49.47 -20.96 23.15
N LYS B 442 49.08 -20.02 24.02
CA LYS B 442 50.04 -19.30 24.85
C LYS B 442 50.60 -20.20 25.95
N SER B 443 49.85 -21.23 26.30
CA SER B 443 50.28 -22.16 27.35
C SER B 443 51.13 -23.30 26.79
N SER B 444 50.95 -23.60 25.51
CA SER B 444 51.59 -24.76 24.90
C SER B 444 53.08 -24.84 25.23
N PRO B 445 53.57 -26.06 25.49
CA PRO B 445 54.99 -26.31 25.78
C PRO B 445 55.87 -26.07 24.56
N HIS B 446 55.33 -26.35 23.38
CA HIS B 446 56.05 -26.15 22.13
C HIS B 446 56.74 -24.79 22.08
N LEU B 447 56.12 -23.79 22.72
CA LEU B 447 56.64 -22.43 22.71
C LEU B 447 57.99 -22.31 23.39
N GLU B 448 58.07 -22.82 24.61
CA GLU B 448 59.16 -22.47 25.52
C GLU B 448 60.55 -22.76 24.97
N LEU B 449 60.64 -23.67 24.00
CA LEU B 449 61.90 -23.93 23.32
C LEU B 449 62.40 -22.64 22.70
N LEU B 450 61.53 -21.97 21.95
CA LEU B 450 61.90 -20.79 21.20
C LEU B 450 61.85 -19.54 22.09
N ARG B 451 60.94 -19.53 23.05
CA ARG B 451 60.86 -18.44 24.01
C ARG B 451 62.15 -18.37 24.83
N LYS B 452 62.79 -19.51 25.01
CA LYS B 452 64.05 -19.58 25.73
C LYS B 452 65.21 -19.22 24.81
N LYS B 453 65.19 -19.80 23.61
CA LYS B 453 66.31 -19.63 22.68
C LYS B 453 66.29 -18.25 22.05
N GLY B 454 65.21 -17.51 22.27
CA GLY B 454 65.16 -16.11 21.88
C GLY B 454 64.57 -15.89 20.50
N ILE B 455 63.37 -16.42 20.27
CA ILE B 455 62.73 -16.34 18.96
C ILE B 455 61.32 -15.77 19.10
N GLU B 456 60.60 -15.71 17.98
CA GLU B 456 59.25 -15.18 17.98
C GLU B 456 58.26 -16.22 17.45
N VAL B 457 57.10 -16.31 18.09
CA VAL B 457 56.11 -17.33 17.73
C VAL B 457 54.77 -16.70 17.38
N LEU B 458 54.27 -17.00 16.19
CA LEU B 458 52.94 -16.58 15.78
C LEU B 458 51.87 -17.42 16.45
N LEU B 459 50.97 -16.75 17.18
CA LEU B 459 49.86 -17.43 17.83
C LEU B 459 48.60 -17.34 16.96
N LEU B 460 48.28 -18.42 16.26
CA LEU B 460 47.07 -18.45 15.45
C LEU B 460 45.93 -19.11 16.21
N SER B 461 45.24 -18.32 17.02
CA SER B 461 44.11 -18.81 17.81
C SER B 461 42.77 -18.49 17.16
N ASP B 462 42.70 -18.68 15.85
CA ASP B 462 41.43 -18.57 15.14
C ASP B 462 41.05 -19.89 14.45
N ARG B 463 39.76 -20.04 14.18
CA ARG B 463 39.24 -21.27 13.60
C ARG B 463 39.90 -21.59 12.26
N ILE B 464 39.88 -20.61 11.35
CA ILE B 464 40.25 -20.85 9.96
C ILE B 464 41.76 -21.04 9.75
N ASP B 465 42.55 -20.48 10.66
CA ASP B 465 44.00 -20.44 10.50
C ASP B 465 44.60 -21.76 10.02
N GLU B 466 44.20 -22.86 10.66
CA GLU B 466 44.73 -24.19 10.32
C GLU B 466 44.55 -24.51 8.84
N TRP B 467 43.44 -24.06 8.27
CA TRP B 467 43.18 -24.25 6.85
C TRP B 467 44.01 -23.28 6.04
N MET B 468 44.05 -22.02 6.47
CA MET B 468 44.84 -21.00 5.81
C MET B 468 46.25 -21.48 5.48
N MET B 469 46.96 -21.95 6.51
CA MET B 469 48.38 -22.27 6.37
C MET B 469 48.64 -23.31 5.29
N ASN B 470 47.64 -24.11 4.97
CA ASN B 470 47.78 -25.10 3.90
C ASN B 470 48.02 -24.42 2.55
N TYR B 471 47.88 -23.09 2.53
CA TYR B 471 48.09 -22.33 1.31
C TYR B 471 49.11 -21.21 1.54
N LEU B 472 49.20 -20.74 2.78
CA LEU B 472 50.15 -19.69 3.13
C LEU B 472 51.52 -20.30 3.35
N THR B 473 52.09 -20.87 2.29
CA THR B 473 53.32 -21.64 2.39
C THR B 473 54.56 -20.80 2.68
N GLU B 474 54.86 -19.86 1.79
CA GLU B 474 56.09 -19.09 1.89
C GLU B 474 55.85 -17.59 1.74
N PHE B 475 56.53 -16.80 2.56
CA PHE B 475 56.44 -15.34 2.46
C PHE B 475 57.82 -14.69 2.53
N ASP B 476 58.09 -13.82 1.56
CA ASP B 476 59.35 -13.08 1.52
C ASP B 476 60.54 -14.03 1.55
N GLY B 477 60.43 -15.13 0.80
CA GLY B 477 61.54 -16.05 0.69
C GLY B 477 61.69 -16.94 1.89
N LYS B 478 61.16 -16.50 3.03
CA LYS B 478 61.18 -17.30 4.25
C LYS B 478 59.89 -18.11 4.38
N PRO B 479 60.02 -19.44 4.40
CA PRO B 479 58.90 -20.38 4.57
C PRO B 479 58.31 -20.38 5.97
N PHE B 480 57.12 -20.99 6.10
CA PHE B 480 56.48 -21.15 7.40
C PHE B 480 56.61 -22.58 7.90
N GLN B 481 56.81 -22.73 9.20
CA GLN B 481 57.02 -24.04 9.81
C GLN B 481 56.40 -24.09 11.20
N SER B 482 55.51 -25.06 11.41
CA SER B 482 54.71 -25.10 12.63
C SER B 482 55.49 -25.76 13.76
N VAL B 483 55.48 -25.12 14.92
CA VAL B 483 56.13 -25.69 16.10
C VAL B 483 55.55 -27.04 16.48
N SER B 484 54.28 -27.25 16.15
CA SER B 484 53.59 -28.49 16.50
C SER B 484 54.19 -29.67 15.74
N LYS B 485 55.19 -29.40 14.92
CA LYS B 485 56.02 -30.44 14.33
C LYS B 485 57.49 -30.00 14.30
N VAL B 486 58.32 -30.75 13.61
CA VAL B 486 59.70 -30.33 13.35
C VAL B 486 60.09 -30.62 11.91
N ALA B 501 74.58 -32.68 29.52
CA ALA B 501 74.55 -32.82 28.06
C ALA B 501 74.39 -34.28 27.66
N LYS B 502 75.31 -34.76 26.82
CA LYS B 502 75.22 -36.11 26.27
C LYS B 502 75.51 -37.18 27.32
N GLU B 503 76.05 -36.75 28.46
CA GLU B 503 76.30 -37.67 29.57
C GLU B 503 75.02 -37.88 30.35
N ALA B 504 74.28 -36.79 30.54
CA ALA B 504 72.93 -36.86 31.07
C ALA B 504 72.07 -37.71 30.14
N GLU B 505 72.42 -37.69 28.85
CA GLU B 505 71.78 -38.55 27.87
C GLU B 505 72.14 -40.02 28.12
N LYS B 506 73.38 -40.27 28.48
CA LYS B 506 73.83 -41.62 28.80
C LYS B 506 72.98 -42.19 29.93
N ALA B 507 73.07 -41.56 31.10
CA ALA B 507 72.34 -42.05 32.27
C ALA B 507 70.85 -42.11 31.93
N LEU B 508 70.45 -41.30 30.96
CA LEU B 508 69.09 -41.30 30.48
C LEU B 508 68.77 -42.59 29.73
N THR B 509 69.81 -43.28 29.25
CA THR B 509 69.61 -44.53 28.53
C THR B 509 69.40 -45.66 29.52
N PRO B 510 70.09 -45.63 30.68
CA PRO B 510 69.50 -46.58 31.63
C PRO B 510 68.07 -46.24 32.02
N PHE B 511 67.79 -44.96 32.26
CA PHE B 511 66.45 -44.57 32.67
C PHE B 511 65.42 -44.96 31.60
N ILE B 512 65.76 -44.69 30.35
CA ILE B 512 64.90 -45.08 29.24
C ILE B 512 64.57 -46.57 29.28
N ASP B 513 65.58 -47.41 29.48
CA ASP B 513 65.32 -48.85 29.54
C ASP B 513 64.34 -49.18 30.66
N ARG B 514 64.49 -48.52 31.79
CA ARG B 514 63.62 -48.76 32.94
C ARG B 514 62.18 -48.45 32.57
N VAL B 515 61.98 -47.39 31.80
CA VAL B 515 60.65 -46.99 31.37
C VAL B 515 60.07 -47.96 30.35
N LYS B 516 60.88 -48.33 29.36
CA LYS B 516 60.42 -49.24 28.32
C LYS B 516 59.98 -50.58 28.91
N ALA B 517 60.59 -50.94 30.03
CA ALA B 517 60.19 -52.14 30.76
C ALA B 517 58.92 -51.89 31.57
N LEU B 518 58.77 -50.66 32.07
CA LEU B 518 57.62 -50.31 32.89
C LEU B 518 56.33 -50.42 32.08
N LEU B 519 56.33 -49.85 30.88
CA LEU B 519 55.13 -49.82 30.05
C LEU B 519 55.13 -50.95 29.03
N GLY B 520 56.15 -50.96 28.16
CA GLY B 520 56.19 -51.96 27.11
C GLY B 520 55.59 -51.48 25.80
N GLU B 521 54.32 -51.80 25.58
CA GLU B 521 53.70 -51.55 24.29
C GLU B 521 52.34 -50.85 24.39
N ARG B 522 52.21 -49.93 25.34
CA ARG B 522 51.13 -48.96 25.31
C ARG B 522 51.62 -47.71 24.59
N VAL B 523 52.94 -47.56 24.52
CA VAL B 523 53.57 -46.47 23.79
C VAL B 523 54.52 -47.05 22.76
N LYS B 524 54.54 -46.46 21.56
CA LYS B 524 55.32 -47.00 20.46
C LYS B 524 56.81 -46.88 20.71
N ASP B 525 57.20 -46.01 21.64
CA ASP B 525 58.61 -45.77 21.91
C ASP B 525 58.80 -44.85 23.11
N VAL B 526 60.02 -44.81 23.64
CA VAL B 526 60.38 -43.84 24.67
C VAL B 526 61.63 -43.07 24.25
N ARG B 527 61.58 -41.75 24.41
CA ARG B 527 62.70 -40.89 24.04
C ARG B 527 62.94 -39.81 25.09
N LEU B 528 64.14 -39.23 25.06
CA LEU B 528 64.45 -38.08 25.90
C LEU B 528 64.82 -36.90 25.02
N THR B 529 63.90 -35.94 24.90
CA THR B 529 64.16 -34.75 24.10
C THR B 529 64.38 -33.53 25.00
N HIS B 530 65.01 -32.50 24.44
CA HIS B 530 65.27 -31.29 25.19
C HIS B 530 64.37 -30.12 24.77
N ARG B 531 63.09 -30.41 24.56
CA ARG B 531 62.09 -29.35 24.57
C ARG B 531 62.08 -28.78 25.99
N LEU B 532 63.00 -27.86 26.26
CA LEU B 532 63.34 -27.48 27.63
C LEU B 532 62.13 -27.14 28.48
N THR B 533 61.44 -26.06 28.13
CA THR B 533 60.17 -25.71 28.76
C THR B 533 60.17 -25.89 30.28
N ASP B 534 58.99 -25.93 30.86
CA ASP B 534 58.83 -26.28 32.28
C ASP B 534 57.88 -27.46 32.41
N THR B 535 57.50 -28.02 31.26
CA THR B 535 56.69 -29.23 31.22
C THR B 535 57.59 -30.47 31.09
N PRO B 536 57.32 -31.50 31.89
CA PRO B 536 58.18 -32.68 31.99
C PRO B 536 58.21 -33.58 30.75
N ALA B 537 57.02 -33.97 30.28
CA ALA B 537 56.91 -34.94 29.21
C ALA B 537 55.81 -34.64 28.21
N ILE B 538 55.86 -35.33 27.06
CA ILE B 538 55.05 -34.96 25.90
C ILE B 538 55.05 -36.08 24.86
N VAL B 539 53.87 -36.39 24.32
CA VAL B 539 53.76 -37.41 23.29
C VAL B 539 53.88 -36.76 21.92
N SER B 540 54.41 -37.50 20.95
CA SER B 540 54.49 -37.01 19.58
C SER B 540 54.05 -38.08 18.58
N THR B 541 54.07 -37.72 17.31
CA THR B 541 53.53 -38.59 16.25
C THR B 541 54.25 -38.32 14.93
N ASP B 542 54.02 -39.18 13.94
CA ASP B 542 54.65 -39.04 12.64
C ASP B 542 53.75 -38.35 11.61
N ALA B 543 54.28 -38.13 10.42
CA ALA B 543 53.55 -37.46 9.35
C ALA B 543 52.48 -38.38 8.78
N LYS B 565 49.02 -45.33 18.27
CA LYS B 565 49.50 -44.81 19.56
C LYS B 565 50.69 -43.88 19.37
N TYR B 566 51.17 -43.33 20.49
CA TYR B 566 52.06 -42.17 20.45
C TYR B 566 53.51 -42.52 20.80
N ILE B 567 54.35 -41.48 20.87
CA ILE B 567 55.74 -41.64 21.24
C ILE B 567 56.03 -40.81 22.50
N PHE B 568 56.47 -41.47 23.56
CA PHE B 568 56.67 -40.81 24.84
C PHE B 568 58.02 -40.11 24.91
N GLU B 569 58.02 -38.85 25.35
CA GLU B 569 59.22 -38.03 25.38
C GLU B 569 59.37 -37.35 26.73
N LEU B 570 60.60 -37.24 27.21
CA LEU B 570 60.85 -36.70 28.55
C LEU B 570 61.94 -35.63 28.56
N ASN B 571 61.89 -34.77 29.57
CA ASN B 571 62.81 -33.63 29.67
C ASN B 571 63.76 -33.80 30.84
N PRO B 572 65.02 -34.17 30.56
CA PRO B 572 66.02 -34.54 31.57
C PRO B 572 66.26 -33.45 32.61
N ASP B 573 65.83 -32.23 32.29
CA ASP B 573 66.20 -31.06 33.07
C ASP B 573 65.12 -30.64 34.06
N HIS B 574 64.00 -31.36 34.08
CA HIS B 574 62.89 -30.97 34.94
C HIS B 574 62.95 -31.60 36.33
N VAL B 575 62.54 -30.83 37.33
CA VAL B 575 62.54 -31.26 38.72
C VAL B 575 61.80 -32.58 38.92
N LEU B 576 60.61 -32.69 38.34
CA LEU B 576 59.81 -33.90 38.49
C LEU B 576 60.52 -35.09 37.87
N VAL B 577 61.34 -34.83 36.85
CA VAL B 577 62.10 -35.87 36.19
C VAL B 577 63.24 -36.35 37.09
N LYS B 578 63.83 -35.42 37.84
CA LYS B 578 64.89 -35.78 38.78
C LYS B 578 64.33 -36.45 40.02
N ARG B 579 63.19 -35.96 40.49
CA ARG B 579 62.55 -36.52 41.68
C ARG B 579 61.90 -37.86 41.35
N ALA B 580 61.84 -38.17 40.05
CA ALA B 580 61.36 -39.48 39.61
C ALA B 580 62.54 -40.37 39.22
N ALA B 581 63.72 -39.77 39.14
CA ALA B 581 64.95 -40.52 38.88
C ALA B 581 65.58 -40.95 40.19
N ASP B 582 65.17 -40.32 41.29
CA ASP B 582 65.65 -40.68 42.61
C ASP B 582 64.86 -41.86 43.17
N THR B 583 63.89 -42.32 42.39
CA THR B 583 62.95 -43.33 42.87
C THR B 583 63.47 -44.75 42.72
N GLU B 584 63.49 -45.49 43.83
CA GLU B 584 63.81 -46.91 43.81
C GLU B 584 62.56 -47.71 44.14
N ASP B 585 61.74 -47.17 45.03
CA ASP B 585 60.48 -47.81 45.41
C ASP B 585 59.65 -48.02 44.14
N GLU B 586 59.29 -49.27 43.87
CA GLU B 586 58.59 -49.62 42.65
C GLU B 586 57.17 -49.08 42.61
N ALA B 587 56.59 -48.89 43.79
CA ALA B 587 55.23 -48.37 43.90
C ALA B 587 55.15 -46.95 43.34
N LYS B 588 55.99 -46.06 43.86
CA LYS B 588 56.02 -44.68 43.40
C LYS B 588 56.65 -44.60 42.01
N PHE B 589 57.65 -45.43 41.77
CA PHE B 589 58.28 -45.53 40.46
C PHE B 589 57.20 -45.59 39.38
N SER B 590 56.40 -46.65 39.42
CA SER B 590 55.33 -46.84 38.46
C SER B 590 54.31 -45.72 38.57
N GLU B 591 54.10 -45.24 39.80
CA GLU B 591 53.07 -44.25 40.06
C GLU B 591 53.44 -42.93 39.39
N TRP B 592 54.69 -42.52 39.55
CA TRP B 592 55.20 -41.33 38.90
C TRP B 592 55.09 -41.46 37.39
N VAL B 593 55.70 -42.51 36.86
CA VAL B 593 55.74 -42.68 35.40
C VAL B 593 54.36 -42.74 34.79
N GLU B 594 53.45 -43.47 35.43
CA GLU B 594 52.07 -43.54 34.97
C GLU B 594 51.45 -42.15 34.94
N LEU B 595 51.72 -41.37 35.98
CA LEU B 595 51.25 -39.99 36.05
C LEU B 595 51.74 -39.21 34.84
N LEU B 596 53.03 -39.32 34.54
CA LEU B 596 53.63 -38.54 33.47
C LEU B 596 52.98 -38.86 32.12
N LEU B 597 52.86 -40.15 31.82
CA LEU B 597 52.22 -40.59 30.58
C LEU B 597 50.80 -40.03 30.50
N ASP B 598 50.00 -40.32 31.52
CA ASP B 598 48.62 -39.84 31.55
C ASP B 598 48.57 -38.34 31.37
N GLN B 599 49.57 -37.65 31.89
CA GLN B 599 49.65 -36.19 31.77
C GLN B 599 49.80 -35.79 30.31
N ALA B 600 50.88 -36.25 29.68
CA ALA B 600 51.18 -35.87 28.30
C ALA B 600 49.99 -36.20 27.40
N LEU B 601 49.26 -37.24 27.75
CA LEU B 601 48.00 -37.55 27.08
C LEU B 601 47.02 -36.39 27.22
N LEU B 602 46.74 -36.02 28.47
CA LEU B 602 45.79 -34.95 28.75
C LEU B 602 46.24 -33.69 28.02
N ALA B 603 47.53 -33.58 27.76
CA ALA B 603 48.10 -32.39 27.14
C ALA B 603 47.91 -32.40 25.63
N GLU B 604 47.81 -33.61 25.06
CA GLU B 604 47.74 -33.76 23.60
C GLU B 604 46.36 -34.19 23.14
N ARG B 605 45.46 -34.46 24.07
CA ARG B 605 44.11 -34.87 23.72
C ARG B 605 43.04 -34.23 24.60
N GLY B 606 43.45 -33.65 25.72
CA GLY B 606 42.49 -33.01 26.60
C GLY B 606 41.41 -33.95 27.10
N THR B 607 41.70 -35.24 27.10
CA THR B 607 40.79 -36.23 27.68
C THR B 607 41.58 -37.43 28.19
N LEU B 608 41.05 -38.10 29.21
CA LEU B 608 41.70 -39.27 29.78
C LEU B 608 40.72 -40.42 29.95
N GLU B 609 41.21 -41.65 29.77
CA GLU B 609 40.41 -42.84 30.05
C GLU B 609 39.82 -42.76 31.45
N ASP B 610 40.68 -42.77 32.46
CA ASP B 610 40.24 -42.72 33.84
C ASP B 610 40.72 -41.44 34.50
N PRO B 611 39.99 -40.33 34.29
CA PRO B 611 40.37 -39.01 34.80
C PRO B 611 40.51 -38.99 36.32
N ASN B 612 39.49 -39.49 37.01
CA ASN B 612 39.48 -39.49 38.47
C ASN B 612 40.73 -40.15 39.02
N LEU B 613 41.32 -41.03 38.22
CA LEU B 613 42.55 -41.71 38.61
C LEU B 613 43.70 -40.71 38.62
N PHE B 614 43.90 -40.03 37.49
CA PHE B 614 44.91 -39.00 37.37
C PHE B 614 44.77 -38.00 38.53
N ILE B 615 43.54 -37.58 38.78
CA ILE B 615 43.25 -36.65 39.86
C ILE B 615 43.71 -37.21 41.20
N ARG B 616 43.38 -38.46 41.46
CA ARG B 616 43.74 -39.11 42.71
C ARG B 616 45.26 -39.12 42.88
N ARG B 617 45.97 -39.49 41.82
CA ARG B 617 47.41 -39.62 41.87
C ARG B 617 48.06 -38.29 42.22
N MET B 618 47.76 -37.27 41.42
CA MET B 618 48.29 -35.92 41.64
C MET B 618 48.03 -35.46 43.07
N ASN B 619 46.78 -35.54 43.50
CA ASN B 619 46.38 -35.07 44.81
C ASN B 619 47.15 -35.81 45.91
N GLN B 620 47.54 -37.05 45.63
CA GLN B 620 48.30 -37.84 46.58
C GLN B 620 49.70 -37.22 46.71
N LEU B 621 50.42 -37.17 45.60
CA LEU B 621 51.79 -36.67 45.60
C LEU B 621 51.88 -35.26 46.17
N LEU B 622 50.76 -34.53 46.14
CA LEU B 622 50.71 -33.21 46.74
C LEU B 622 50.77 -33.27 48.26
N VAL B 623 49.80 -33.95 48.87
CA VAL B 623 49.69 -33.97 50.32
C VAL B 623 50.85 -34.68 50.98
N SER B 624 51.36 -35.72 50.33
CA SER B 624 52.51 -36.46 50.84
C SER B 624 53.79 -35.65 50.75
#